data_4JUO
#
_entry.id   4JUO
#
_cell.length_a   213.580
_cell.length_b   213.580
_cell.length_c   211.830
_cell.angle_alpha   90.00
_cell.angle_beta   90.00
_cell.angle_gamma   120.00
#
_symmetry.space_group_name_H-M   'H 3 2'
#
loop_
_entity.id
_entity.type
_entity.pdbx_description
1 polymer 'DNA topoisomerase 4 subunit A'
2 polymer 'DNA topoisomerase 4 subunit B'
3 polymer 'E-site DNA'
4 polymer 'E-site DNA'
5 polymer 'E-site DNA'
6 polymer 'E-site DNA'
7 non-polymer 'MAGNESIUM ION'
8 non-polymer '(3S)-9-fluoro-3-methyl-10-(4-methylpiperazin-1-yl)-7-oxo-2,3-dihydro-7H-[1,4]oxazino[2,3,4-ij]quinoline-6-carboxylic acid'
#
loop_
_entity_poly.entity_id
_entity_poly.type
_entity_poly.pdbx_seq_one_letter_code
_entity_poly.pdbx_strand_id
1 'polypeptide(L)'
;MSNIQNMSLEDIMGERFGRYSKYIIQDRALPDIRDGLKPVQRRILYSMNKDSNTFDKSYRKSAKSVGNIMGNFHPHGDSS
IYDAMVRMSQNWKNREILVEMHGNNGSMDGDPPAAMRYTEARLSEIAGYLLQDIEKKTVPFAWNFDDTEKEPTVLPAAFP
NLLVNGSTGISAGYATDIPPHNLAEVIDAAVYMIDHPTAKIDKLMEFLPGPDFPTGAIIQGRDEIKKAYETGKGRVVVRS
KTEIEKLKGGKEQIVITEIPYEINKANLVKKIDDVRVNNKVAGIAEVRDESDRDGLRIAIELKKDANTELVLNYLFKYTD
LQINYNFNMVAIDNFTPRQVGIVPILSSYIAHRREVILARSRFDKEKAEKRLHIVEGLIRVISILDEVIALIRASENKAD
AKENLKVSYDFTEEQAEAIVTLQLYRLTNTDVVVLQEEEAELREKIAMLAAIIGDERTMYNLMKKELREVKKKFATPRLS
SLEDTAKALEHHHHHH
;
A
2 'polypeptide(L)'
;MGHHHHHHHHHHSSGHIDDDDKHMSKKEININNYNDDAIQVLEGLDAVRKRPGMYIGSTDGAGLHHLVWEIVDNAVDEAL
SGFGDRIDVTINKDGSLTVQDHGRGMPTGMHAMGIPTVEVIFTILHAGGKFGQGGYKTSGGLHGVGSSVVNALSSWLEVE
ITRDGAVYKQRFENGGKPVTTLKKIGTAPKSKTGTKVTFMPDATIFSTTDFKYNTISERLNESAFLLKNVTLSLTDKRTD
EAIEFHYENGVQDFVSYLNEDKEILTPVLYFEGEDNGFQVEVALQYNDGFSDNILSFVNNVRTKDGGTHETGLKSAITKV
MNDYARKTGLLKEKDKNLEGSDYREGLAAVLSILVPEEHLQFEGQTKDKLGSPLARPVVDGIVADKLTFFLMENGELASN
LIRKAIKARDAREAARKARDESRNGKKNKKDKGLLSGKLTPAQSKNPAKNELYLVEGDSAGGSAKQGRDRKFQAILPLRG
KVINTAKAKMADILKNEEINTMIYTIGAGVGADFSIEDANYDKIIIMTDADTDGAHIQTLLLTFFYRYMRPLVEAGHVYI
ALPPLYKMSKGKGKKEEVAYAWTDGELEELRKQFGKGATLQRYKGLGEMNADQLWETTMNPETRTLIRVTIEDLARAERR
VNVLMGDKVEPRRKWIEDNVKFTLEEATVF
;
C
3 'polydeoxyribonucleotide' (DA)(DG)(DG)(DT)(DC)(DA)(DT)(DG)(DA)(DA)(DT) E
4 'polydeoxyribonucleotide' (DA)(DG)(DT)(DC)(DA)(DT)(DT)(DC)(DA)(DT)(DG)(DA)(DC)(DC)(DT) F
5 'polydeoxyribonucleotide' (DT)(DT)(DT)(DA)(DC)(DG)(DT)(DG)(DC)(DA)(DT) G
6 'polydeoxyribonucleotide' (DG)(DA)(DC)(DT)(DA)(DT)(DG)(DC)(DA)(DC)(DG)(DT)(DA)(DA)(DA) H
#
# COMPACT_ATOMS: atom_id res chain seq x y z
N ASN A 3 2.59 -5.68 -20.48
CA ASN A 3 2.82 -6.39 -19.23
C ASN A 3 3.96 -5.76 -18.42
N ILE A 4 5.15 -5.64 -19.01
CA ILE A 4 6.29 -5.06 -18.33
C ILE A 4 7.06 -4.10 -19.23
N GLN A 5 7.48 -2.97 -18.65
CA GLN A 5 8.26 -1.96 -19.36
C GLN A 5 9.50 -1.56 -18.55
N ASN A 6 10.66 -1.54 -19.21
CA ASN A 6 11.92 -1.28 -18.52
C ASN A 6 12.24 0.22 -18.38
N MET A 7 12.89 0.55 -17.27
CA MET A 7 13.45 1.87 -17.08
C MET A 7 14.78 1.68 -16.36
N SER A 8 15.68 2.64 -16.52
CA SER A 8 17.01 2.52 -15.96
C SER A 8 17.01 2.83 -14.46
N LEU A 9 17.95 2.24 -13.71
CA LEU A 9 18.11 2.64 -12.33
C LEU A 9 18.39 4.14 -12.31
N GLU A 10 19.24 4.60 -13.23
CA GLU A 10 19.60 6.01 -13.33
C GLU A 10 18.41 6.92 -13.63
N ASP A 11 17.46 6.40 -14.40
CA ASP A 11 16.26 7.15 -14.77
C ASP A 11 15.20 7.12 -13.66
N ILE A 12 14.97 5.95 -13.08
CA ILE A 12 13.98 5.82 -12.02
C ILE A 12 14.31 6.80 -10.90
N MET A 13 15.54 6.72 -10.37
CA MET A 13 15.95 7.58 -9.26
C MET A 13 15.96 9.07 -9.64
N GLY A 14 15.71 9.37 -10.90
CA GLY A 14 15.73 10.75 -11.38
C GLY A 14 14.35 11.37 -11.43
N GLU A 15 13.38 10.65 -11.98
CA GLU A 15 12.00 11.13 -12.03
C GLU A 15 11.35 11.08 -10.65
N ARG A 16 11.93 10.28 -9.76
CA ARG A 16 11.39 10.18 -8.41
C ARG A 16 11.94 11.26 -7.50
N PHE A 17 13.27 11.36 -7.40
CA PHE A 17 13.85 12.31 -6.45
C PHE A 17 13.61 13.76 -6.87
N GLY A 18 13.48 13.97 -8.16
CA GLY A 18 13.13 15.28 -8.66
C GLY A 18 11.71 15.59 -8.24
N ARG A 19 10.81 14.64 -8.46
CA ARG A 19 9.41 14.79 -8.11
C ARG A 19 9.26 15.17 -6.64
N TYR A 20 9.91 14.40 -5.78
CA TYR A 20 9.86 14.62 -4.34
C TYR A 20 10.54 15.91 -3.93
N SER A 21 11.79 16.10 -4.37
CA SER A 21 12.57 17.30 -4.06
C SER A 21 11.76 18.59 -4.34
N LYS A 22 11.31 18.75 -5.58
CA LYS A 22 10.52 19.91 -5.97
C LYS A 22 9.35 20.20 -5.01
N TYR A 23 8.65 19.15 -4.58
CA TYR A 23 7.42 19.30 -3.79
C TYR A 23 7.71 19.71 -2.35
N ILE A 24 8.77 19.13 -1.78
CA ILE A 24 9.14 19.35 -0.38
C ILE A 24 9.69 20.77 -0.23
N ILE A 25 10.33 21.26 -1.29
CA ILE A 25 10.84 22.61 -1.30
C ILE A 25 9.74 23.65 -1.52
N GLN A 26 8.87 23.41 -2.49
CA GLN A 26 7.82 24.37 -2.83
C GLN A 26 6.61 24.33 -1.89
N ASP A 27 6.25 23.12 -1.46
CA ASP A 27 4.94 22.83 -0.88
C ASP A 27 4.95 22.07 0.44
N ARG A 28 5.98 22.24 1.24
CA ARG A 28 6.03 21.56 2.54
C ARG A 28 6.85 22.33 3.55
N ALA A 29 8.17 22.14 3.51
CA ALA A 29 9.06 22.60 4.58
C ALA A 29 9.42 24.08 4.62
N LEU A 30 9.23 24.79 3.50
CA LEU A 30 9.73 26.16 3.38
C LEU A 30 8.64 27.21 3.27
N PRO A 31 8.78 28.27 4.05
CA PRO A 31 7.80 29.36 4.12
C PRO A 31 7.82 30.16 2.85
N ASP A 32 6.66 30.66 2.44
CA ASP A 32 6.57 31.67 1.40
C ASP A 32 7.16 32.97 1.95
N ILE A 33 8.03 33.62 1.17
CA ILE A 33 8.72 34.84 1.63
C ILE A 33 7.78 36.03 1.93
N ARG A 34 6.64 36.08 1.26
CA ARG A 34 5.66 37.15 1.46
C ARG A 34 4.81 37.07 2.73
N ASP A 35 4.14 35.94 2.95
CA ASP A 35 3.27 35.82 4.12
C ASP A 35 3.91 35.01 5.25
N GLY A 36 5.05 34.40 4.97
CA GLY A 36 5.82 33.65 5.96
C GLY A 36 5.24 32.31 6.40
N LEU A 37 4.29 31.77 5.63
CA LEU A 37 3.63 30.47 5.96
C LEU A 37 4.04 29.29 5.08
N LYS A 38 4.22 28.15 5.70
CA LYS A 38 4.27 26.89 4.96
C LYS A 38 2.85 26.54 4.52
N PRO A 39 2.71 25.77 3.43
CA PRO A 39 1.37 25.39 2.96
C PRO A 39 0.40 24.86 4.08
N VAL A 40 0.85 23.96 4.93
CA VAL A 40 -0.01 23.42 5.97
C VAL A 40 -0.57 24.50 6.88
N GLN A 41 0.24 25.50 7.19
CA GLN A 41 -0.24 26.58 8.08
C GLN A 41 -1.24 27.50 7.39
N ARG A 42 -0.93 27.89 6.15
CA ARG A 42 -1.87 28.68 5.35
C ARG A 42 -3.24 27.98 5.25
N ARG A 43 -3.23 26.68 4.98
CA ARG A 43 -4.49 25.92 4.88
C ARG A 43 -5.21 25.90 6.21
N ILE A 44 -4.49 25.60 7.30
CA ILE A 44 -5.04 25.77 8.63
C ILE A 44 -5.78 27.09 8.83
N LEU A 45 -5.08 28.20 8.60
CA LEU A 45 -5.67 29.51 8.78
C LEU A 45 -6.83 29.77 7.83
N TYR A 46 -6.65 29.38 6.57
CA TYR A 46 -7.67 29.64 5.56
C TYR A 46 -8.96 28.90 5.90
N SER A 47 -8.81 27.63 6.25
CA SER A 47 -9.94 26.77 6.54
C SER A 47 -10.67 27.23 7.79
N MET A 48 -9.95 27.59 8.85
CA MET A 48 -10.66 28.01 10.05
C MET A 48 -11.38 29.32 9.81
N ASN A 49 -10.82 30.14 8.93
CA ASN A 49 -11.41 31.45 8.66
C ASN A 49 -12.62 31.29 7.76
N LYS A 50 -12.52 30.39 6.79
CA LYS A 50 -13.67 30.08 5.93
C LYS A 50 -14.83 29.66 6.83
N ASP A 51 -14.53 28.92 7.90
CA ASP A 51 -15.57 28.40 8.80
C ASP A 51 -16.01 29.35 9.93
N SER A 52 -15.52 30.59 9.92
CA SER A 52 -15.98 31.60 10.88
C SER A 52 -15.49 31.30 12.28
N ASN A 53 -14.48 30.46 12.36
CA ASN A 53 -13.91 30.04 13.64
C ASN A 53 -12.82 31.09 14.03
N THR A 54 -13.30 32.31 14.25
CA THR A 54 -12.45 33.47 14.52
C THR A 54 -12.38 33.88 15.99
N PHE A 55 -11.52 34.86 16.28
CA PHE A 55 -11.16 35.22 17.65
C PHE A 55 -12.37 35.69 18.44
N ASP A 56 -13.35 36.23 17.74
CA ASP A 56 -14.51 36.85 18.36
C ASP A 56 -15.67 35.88 18.54
N LYS A 57 -15.47 34.61 18.19
CA LYS A 57 -16.53 33.62 18.36
C LYS A 57 -16.07 32.43 19.20
N SER A 58 -17.00 31.56 19.55
CA SER A 58 -16.72 30.48 20.50
C SER A 58 -15.65 29.55 19.98
N TYR A 59 -14.87 28.99 20.90
CA TYR A 59 -13.89 28.00 20.50
C TYR A 59 -14.64 26.86 19.81
N ARG A 60 -13.98 26.21 18.87
CA ARG A 60 -14.59 25.12 18.12
C ARG A 60 -13.69 23.92 18.32
N LYS A 61 -14.27 22.74 18.43
CA LYS A 61 -13.51 21.53 18.72
C LYS A 61 -12.34 21.35 17.74
N SER A 62 -11.14 21.18 18.25
CA SER A 62 -10.00 20.93 17.37
C SER A 62 -10.27 19.91 16.26
N ALA A 63 -10.82 18.75 16.62
CA ALA A 63 -11.03 17.69 15.65
C ALA A 63 -11.97 18.11 14.50
N LYS A 64 -13.00 18.89 14.80
CA LYS A 64 -13.82 19.40 13.72
C LYS A 64 -12.92 20.20 12.75
N SER A 65 -12.12 21.11 13.28
CA SER A 65 -11.31 21.97 12.40
C SER A 65 -10.37 21.14 11.54
N VAL A 66 -9.62 20.26 12.19
CA VAL A 66 -8.63 19.42 11.52
C VAL A 66 -9.23 18.59 10.41
N GLY A 67 -10.38 18.01 10.68
CA GLY A 67 -11.06 17.19 9.69
C GLY A 67 -11.43 17.97 8.45
N ASN A 68 -11.91 19.21 8.63
CA ASN A 68 -12.27 20.03 7.50
C ASN A 68 -11.07 20.42 6.65
N ILE A 69 -9.95 20.69 7.31
CA ILE A 69 -8.69 21.02 6.65
C ILE A 69 -8.24 19.86 5.78
N MET A 70 -8.23 18.68 6.39
CA MET A 70 -7.93 17.42 5.68
C MET A 70 -8.85 17.14 4.48
N GLY A 71 -10.15 17.32 4.64
CA GLY A 71 -11.09 16.89 3.61
C GLY A 71 -11.20 17.90 2.48
N ASN A 72 -10.82 19.14 2.76
CA ASN A 72 -10.99 20.20 1.79
C ASN A 72 -9.69 20.70 1.13
N PHE A 73 -8.59 20.68 1.88
CA PHE A 73 -7.36 21.33 1.41
C PHE A 73 -6.07 20.52 1.53
N HIS A 74 -5.92 19.78 2.62
CA HIS A 74 -4.62 19.21 2.96
C HIS A 74 -4.66 17.70 3.07
N PRO A 75 -4.29 17.01 1.98
CA PRO A 75 -4.40 15.56 1.85
C PRO A 75 -3.32 14.78 2.62
N HIS A 76 -3.19 15.03 3.92
CA HIS A 76 -2.22 14.31 4.74
C HIS A 76 -2.78 13.92 6.11
N GLY A 77 -1.93 13.32 6.93
CA GLY A 77 -2.36 12.86 8.23
C GLY A 77 -2.88 13.98 9.10
N ASP A 78 -3.75 13.62 10.04
CA ASP A 78 -4.31 14.58 10.99
C ASP A 78 -3.29 14.91 12.06
N SER A 79 -2.52 13.93 12.51
CA SER A 79 -1.42 14.23 13.42
C SER A 79 -0.65 15.48 12.95
N SER A 80 -0.19 15.45 11.70
CA SER A 80 0.64 16.53 11.19
C SER A 80 -0.09 17.86 11.16
N ILE A 81 -1.34 17.85 10.69
CA ILE A 81 -2.14 19.06 10.71
C ILE A 81 -2.33 19.55 12.13
N TYR A 82 -2.72 18.65 13.01
CA TYR A 82 -2.97 19.04 14.40
C TYR A 82 -1.72 19.59 15.06
N ASP A 83 -0.60 18.88 14.97
CA ASP A 83 0.67 19.36 15.53
C ASP A 83 1.05 20.73 15.00
N ALA A 84 0.82 20.94 13.72
CA ALA A 84 1.07 22.23 13.12
C ALA A 84 0.15 23.32 13.72
N MET A 85 -1.13 22.99 13.89
CA MET A 85 -2.12 23.88 14.50
C MET A 85 -1.77 24.19 15.97
N VAL A 86 -1.37 23.15 16.69
CA VAL A 86 -0.96 23.30 18.08
C VAL A 86 0.27 24.23 18.17
N ARG A 87 1.26 24.01 17.30
CA ARG A 87 2.46 24.82 17.36
C ARG A 87 2.09 26.29 17.21
N MET A 88 1.28 26.61 16.20
CA MET A 88 0.85 28.01 15.96
C MET A 88 0.09 28.60 17.16
N SER A 89 -0.11 27.81 18.22
CA SER A 89 -0.83 28.31 19.39
C SER A 89 0.08 28.42 20.61
N GLN A 90 1.26 27.84 20.51
CA GLN A 90 2.19 27.87 21.63
C GLN A 90 2.95 29.19 21.63
N ASN A 91 2.83 29.93 22.71
CA ASN A 91 3.37 31.29 22.77
C ASN A 91 4.85 31.36 23.16
N TRP A 92 5.47 30.21 23.39
CA TRP A 92 6.90 30.12 23.60
C TRP A 92 7.61 29.67 22.33
N LYS A 93 6.83 29.37 21.29
CA LYS A 93 7.38 29.05 19.98
C LYS A 93 7.04 30.17 19.00
N ASN A 94 5.86 30.78 19.17
CA ASN A 94 5.47 31.91 18.33
C ASN A 94 5.45 33.27 19.03
N ARG A 95 6.15 34.23 18.45
CA ARG A 95 6.28 35.57 19.03
C ARG A 95 4.90 36.22 19.03
N GLU A 96 4.13 35.93 18.00
CA GLU A 96 2.76 36.42 17.88
C GLU A 96 1.81 35.28 17.47
N ILE A 97 1.26 34.52 18.42
CA ILE A 97 0.44 33.35 18.07
C ILE A 97 -0.77 33.62 17.19
N LEU A 98 -1.03 32.70 16.27
CA LEU A 98 -2.10 32.84 15.28
C LEU A 98 -3.31 31.93 15.59
N VAL A 99 -3.15 31.03 16.55
CA VAL A 99 -4.23 30.16 16.93
C VAL A 99 -4.29 30.19 18.45
N GLU A 100 -5.50 30.39 18.97
CA GLU A 100 -5.78 30.26 20.40
C GLU A 100 -6.45 28.90 20.67
N MET A 101 -5.89 28.16 21.61
CA MET A 101 -6.31 26.82 21.89
C MET A 101 -6.62 26.71 23.38
N HIS A 102 -7.79 26.14 23.68
CA HIS A 102 -8.23 25.89 25.05
C HIS A 102 -7.88 24.47 25.44
N GLY A 103 -7.10 24.32 26.51
CA GLY A 103 -6.71 23.01 27.01
C GLY A 103 -5.21 22.80 27.03
N ASN A 104 -4.80 21.59 27.34
CA ASN A 104 -3.40 21.25 27.31
C ASN A 104 -2.87 21.29 25.87
N ASN A 105 -2.13 22.35 25.55
CA ASN A 105 -1.48 22.43 24.25
C ASN A 105 0.02 22.38 24.42
N GLY A 106 0.48 21.65 25.43
CA GLY A 106 1.90 21.51 25.70
C GLY A 106 2.44 22.53 26.68
N SER A 107 3.76 22.56 26.82
CA SER A 107 4.43 23.45 27.77
C SER A 107 5.87 23.63 27.36
N MET A 108 6.57 24.58 27.97
CA MET A 108 8.00 24.72 27.74
C MET A 108 8.76 23.47 28.14
N ASP A 109 8.15 22.64 28.99
CA ASP A 109 8.77 21.37 29.39
C ASP A 109 8.60 20.31 28.30
N GLY A 110 7.96 20.70 27.20
CA GLY A 110 7.67 19.75 26.13
C GLY A 110 6.85 18.52 26.51
N ASP A 111 5.84 18.65 27.36
CA ASP A 111 4.90 17.53 27.52
C ASP A 111 3.82 17.48 26.43
N PRO A 112 3.52 16.28 25.94
CA PRO A 112 2.57 16.10 24.84
C PRO A 112 1.34 16.95 25.08
N PRO A 113 0.91 17.71 24.07
CA PRO A 113 -0.42 18.36 24.05
C PRO A 113 -1.52 17.29 24.14
N ALA A 114 -2.69 17.67 24.64
CA ALA A 114 -3.83 16.77 24.61
C ALA A 114 -4.12 16.44 23.13
N ALA A 115 -4.63 15.23 22.88
CA ALA A 115 -5.01 14.87 21.52
C ALA A 115 -6.17 15.72 21.06
N MET A 116 -6.32 15.85 19.75
CA MET A 116 -7.30 16.77 19.20
C MET A 116 -8.76 16.46 19.57
N ARG A 117 -9.01 15.39 20.33
CA ARG A 117 -10.37 15.10 20.78
CA ARG A 117 -10.36 15.10 20.79
C ARG A 117 -10.72 15.94 22.02
N TYR A 118 -9.69 16.36 22.76
CA TYR A 118 -9.89 17.15 23.98
C TYR A 118 -9.94 18.65 23.76
N THR A 119 -8.99 19.16 22.98
CA THR A 119 -8.76 20.59 22.86
C THR A 119 -9.77 21.29 21.95
N GLU A 120 -9.86 22.61 22.06
CA GLU A 120 -10.63 23.43 21.11
C GLU A 120 -9.90 24.73 20.72
N ALA A 121 -10.24 25.28 19.57
CA ALA A 121 -9.42 26.31 18.98
C ALA A 121 -10.19 27.34 18.15
N ARG A 122 -9.52 28.45 17.86
CA ARG A 122 -10.04 29.48 16.96
C ARG A 122 -8.83 30.33 16.57
N LEU A 123 -8.98 31.11 15.50
CA LEU A 123 -7.93 32.04 15.10
C LEU A 123 -7.74 33.14 16.16
N SER A 124 -6.52 33.65 16.29
CA SER A 124 -6.27 34.79 17.17
C SER A 124 -6.72 36.03 16.44
N GLU A 125 -6.87 37.14 17.15
CA GLU A 125 -7.20 38.38 16.46
C GLU A 125 -6.11 38.74 15.41
N ILE A 126 -4.83 38.63 15.79
CA ILE A 126 -3.81 39.04 14.85
C ILE A 126 -3.82 38.19 13.56
N ALA A 127 -4.11 36.90 13.71
CA ALA A 127 -4.29 36.00 12.57
C ALA A 127 -5.37 36.51 11.60
N GLY A 128 -6.36 37.21 12.15
CA GLY A 128 -7.32 37.89 11.34
C GLY A 128 -6.66 38.84 10.36
N TYR A 129 -5.58 39.49 10.80
CA TYR A 129 -4.88 40.44 9.96
C TYR A 129 -4.07 39.76 8.86
N LEU A 130 -3.73 38.49 9.02
CA LEU A 130 -3.11 37.76 7.90
C LEU A 130 -4.12 37.48 6.80
N LEU A 131 -5.40 37.46 7.15
CA LEU A 131 -6.45 37.08 6.20
C LEU A 131 -7.23 38.30 5.73
N GLN A 132 -6.89 39.45 6.29
CA GLN A 132 -7.62 40.68 5.94
C GLN A 132 -7.77 40.84 4.43
N ASP A 133 -9.02 41.01 4.00
CA ASP A 133 -9.36 41.29 2.61
C ASP A 133 -9.22 40.10 1.67
N ILE A 134 -9.08 38.88 2.23
CA ILE A 134 -9.00 37.68 1.39
C ILE A 134 -10.23 37.48 0.49
N GLU A 135 -11.33 38.12 0.87
CA GLU A 135 -12.58 37.97 0.13
C GLU A 135 -12.68 38.93 -1.01
N LYS A 136 -11.66 39.78 -1.14
CA LYS A 136 -11.72 40.89 -2.09
C LYS A 136 -10.89 40.65 -3.34
N LYS A 137 -10.60 39.38 -3.61
CA LYS A 137 -9.83 38.99 -4.80
C LYS A 137 -8.49 39.71 -4.81
N THR A 138 -7.81 39.63 -3.66
CA THR A 138 -6.56 40.32 -3.41
C THR A 138 -5.34 39.42 -3.63
N VAL A 139 -5.58 38.12 -3.70
CA VAL A 139 -4.51 37.13 -3.75
C VAL A 139 -4.91 36.07 -4.76
N PRO A 140 -3.91 35.42 -5.39
CA PRO A 140 -4.10 34.37 -6.40
C PRO A 140 -4.57 33.04 -5.79
N PHE A 141 -5.62 32.47 -6.36
CA PHE A 141 -6.20 31.22 -5.88
C PHE A 141 -5.98 30.06 -6.86
N ALA A 142 -5.82 28.86 -6.32
CA ALA A 142 -5.71 27.64 -7.13
C ALA A 142 -6.74 26.60 -6.71
N TRP A 143 -6.88 25.56 -7.52
CA TRP A 143 -7.76 24.46 -7.18
C TRP A 143 -7.10 23.60 -6.12
N ASN A 144 -7.90 23.10 -5.19
CA ASN A 144 -7.40 22.20 -4.17
C ASN A 144 -7.01 20.87 -4.82
N PHE A 145 -6.26 20.04 -4.08
CA PHE A 145 -5.93 18.68 -4.51
C PHE A 145 -7.10 17.99 -5.22
N ASP A 146 -8.30 18.41 -4.87
CA ASP A 146 -9.51 17.67 -5.16
C ASP A 146 -10.23 18.18 -6.40
N ASP A 147 -9.78 19.31 -6.92
CA ASP A 147 -10.50 20.01 -8.00
C ASP A 147 -11.96 20.33 -7.68
N THR A 148 -12.27 20.37 -6.38
CA THR A 148 -13.59 20.72 -5.88
C THR A 148 -13.70 22.17 -5.42
N GLU A 149 -12.59 22.73 -4.93
CA GLU A 149 -12.60 24.04 -4.27
C GLU A 149 -11.32 24.86 -4.46
N LYS A 150 -11.48 26.18 -4.49
CA LYS A 150 -10.33 27.06 -4.61
C LYS A 150 -9.70 27.36 -3.22
N GLU A 151 -8.37 27.42 -3.17
CA GLU A 151 -7.63 27.87 -1.98
C GLU A 151 -6.62 28.98 -2.33
N PRO A 152 -6.25 29.82 -1.36
CA PRO A 152 -5.30 30.88 -1.67
C PRO A 152 -3.88 30.31 -1.72
N THR A 153 -3.04 30.78 -2.65
CA THR A 153 -1.63 30.36 -2.71
C THR A 153 -0.72 31.16 -1.77
N VAL A 154 -1.20 32.34 -1.36
CA VAL A 154 -0.54 33.18 -0.35
C VAL A 154 -1.60 34.05 0.34
N LEU A 155 -1.41 34.38 1.60
CA LEU A 155 -2.36 35.28 2.27
C LEU A 155 -2.04 36.78 2.10
N PRO A 156 -3.05 37.64 2.26
CA PRO A 156 -2.86 39.10 2.16
C PRO A 156 -1.82 39.68 3.11
N ALA A 157 -1.57 39.03 4.24
CA ALA A 157 -0.52 39.45 5.18
C ALA A 157 -0.45 40.95 5.49
N ALA A 158 -1.41 41.46 6.24
CA ALA A 158 -1.38 42.85 6.69
C ALA A 158 -0.35 43.12 7.78
N PHE A 159 0.39 42.10 8.20
CA PHE A 159 1.64 42.34 8.93
C PHE A 159 2.67 41.33 8.39
N PRO A 160 3.97 41.69 8.46
CA PRO A 160 5.13 40.94 7.93
C PRO A 160 5.51 39.70 8.76
N ASN A 161 4.66 38.69 8.65
CA ASN A 161 4.73 37.49 9.47
C ASN A 161 6.05 36.68 9.34
N LEU A 162 6.73 36.76 8.20
CA LEU A 162 7.96 35.98 7.98
C LEU A 162 9.01 36.28 9.04
N LEU A 163 9.20 37.57 9.32
CA LEU A 163 10.18 38.00 10.29
C LEU A 163 9.58 38.04 11.67
N VAL A 164 8.29 38.38 11.77
CA VAL A 164 7.64 38.48 13.07
C VAL A 164 7.61 37.12 13.80
N ASN A 165 7.07 36.09 13.14
CA ASN A 165 6.99 34.73 13.75
C ASN A 165 8.11 33.75 13.46
N GLY A 166 8.76 33.91 12.32
CA GLY A 166 9.88 33.06 11.98
C GLY A 166 9.44 31.82 11.25
N SER A 167 10.33 30.83 11.17
CA SER A 167 10.09 29.63 10.40
C SER A 167 11.31 28.73 10.50
N THR A 168 11.07 27.43 10.47
CA THR A 168 12.09 26.38 10.50
C THR A 168 11.34 25.11 10.12
N GLY A 169 11.77 24.30 9.15
CA GLY A 169 12.78 24.59 8.18
C GLY A 169 13.71 23.44 7.81
N ILE A 170 13.19 22.29 7.36
CA ILE A 170 14.10 21.29 6.71
C ILE A 170 13.56 20.58 5.45
N SER A 171 14.09 20.87 4.27
CA SER A 171 13.61 20.14 3.09
C SER A 171 14.64 19.21 2.44
N ALA A 172 14.74 19.28 1.11
CA ALA A 172 15.76 18.55 0.36
C ALA A 172 16.70 19.56 -0.30
N GLY A 173 18.01 19.43 -0.09
CA GLY A 173 18.96 20.38 -0.63
C GLY A 173 18.89 21.75 0.06
N TYR A 174 17.89 21.96 0.91
CA TYR A 174 17.77 23.23 1.62
C TYR A 174 17.09 23.06 2.98
N ALA A 175 17.52 23.87 3.95
CA ALA A 175 16.87 24.00 5.26
C ALA A 175 16.57 25.49 5.49
N THR A 176 15.81 25.83 6.52
CA THR A 176 15.60 27.24 6.83
C THR A 176 15.53 27.48 8.33
N ASP A 177 16.16 28.54 8.78
CA ASP A 177 16.01 28.99 10.15
C ASP A 177 15.98 30.51 10.16
N ILE A 178 14.80 31.05 10.47
CA ILE A 178 14.58 32.49 10.53
C ILE A 178 13.97 32.76 11.89
N PRO A 179 14.63 33.58 12.72
CA PRO A 179 14.04 33.73 14.05
C PRO A 179 12.97 34.81 14.04
N PRO A 180 12.22 34.91 15.14
CA PRO A 180 11.12 35.87 15.32
C PRO A 180 11.66 37.25 15.66
N HIS A 181 10.88 38.27 15.34
CA HIS A 181 11.24 39.62 15.65
C HIS A 181 10.03 40.34 16.21
N ASN A 182 10.30 41.47 16.85
CA ASN A 182 9.29 42.36 17.40
C ASN A 182 8.49 43.06 16.29
N LEU A 183 7.17 43.01 16.41
CA LEU A 183 6.24 43.51 15.40
C LEU A 183 6.46 45.01 15.12
N ALA A 184 6.49 45.81 16.17
CA ALA A 184 6.69 47.24 15.99
C ALA A 184 8.02 47.52 15.27
N GLU A 185 9.07 46.82 15.68
CA GLU A 185 10.37 46.99 15.05
C GLU A 185 10.35 46.62 13.56
N VAL A 186 9.84 45.45 13.22
CA VAL A 186 9.81 45.05 11.82
C VAL A 186 9.00 46.03 10.96
N ILE A 187 7.94 46.58 11.54
CA ILE A 187 7.08 47.50 10.84
C ILE A 187 7.76 48.88 10.66
N ASP A 188 8.50 49.30 11.67
CA ASP A 188 9.29 50.53 11.54
C ASP A 188 10.27 50.41 10.36
N ALA A 189 10.95 49.27 10.26
CA ALA A 189 11.83 49.01 9.13
C ALA A 189 11.09 49.03 7.79
N ALA A 190 9.93 48.39 7.72
CA ALA A 190 9.20 48.33 6.47
C ALA A 190 8.78 49.72 6.06
N VAL A 191 8.34 50.50 7.04
CA VAL A 191 7.90 51.84 6.74
C VAL A 191 9.05 52.71 6.24
N TYR A 192 10.23 52.54 6.84
CA TYR A 192 11.36 53.33 6.38
C TYR A 192 11.68 52.96 4.94
N MET A 193 11.74 51.67 4.68
CA MET A 193 12.05 51.18 3.34
C MET A 193 11.00 51.57 2.28
N ILE A 194 9.76 51.75 2.69
CA ILE A 194 8.75 52.18 1.74
C ILE A 194 9.11 53.58 1.26
N ASP A 195 9.66 54.41 2.17
CA ASP A 195 10.00 55.81 1.87
C ASP A 195 11.38 55.89 1.22
N HIS A 196 12.26 55.01 1.67
CA HIS A 196 13.63 54.96 1.21
C HIS A 196 13.99 53.55 0.71
N PRO A 197 13.56 53.19 -0.52
CA PRO A 197 13.66 51.85 -1.11
C PRO A 197 15.08 51.31 -1.18
N THR A 198 16.03 52.19 -1.42
CA THR A 198 17.43 51.80 -1.53
C THR A 198 18.16 51.76 -0.19
N ALA A 199 17.41 51.63 0.91
CA ALA A 199 18.03 51.70 2.23
C ALA A 199 19.06 50.61 2.49
N LYS A 200 20.10 50.97 3.24
CA LYS A 200 21.19 50.05 3.55
C LYS A 200 20.93 49.38 4.91
N ILE A 201 21.47 48.17 5.11
CA ILE A 201 21.28 47.46 6.38
C ILE A 201 21.60 48.30 7.63
N ASP A 202 22.76 48.94 7.65
CA ASP A 202 23.17 49.75 8.81
C ASP A 202 22.03 50.64 9.27
N LYS A 203 21.35 51.26 8.31
CA LYS A 203 20.27 52.18 8.60
C LYS A 203 19.00 51.42 9.03
N LEU A 204 18.69 50.32 8.33
CA LEU A 204 17.56 49.47 8.72
C LEU A 204 17.73 49.00 10.16
N MET A 205 18.95 48.73 10.59
CA MET A 205 19.16 48.22 11.96
C MET A 205 18.96 49.27 13.05
N GLU A 206 18.70 50.51 12.66
CA GLU A 206 18.37 51.52 13.66
C GLU A 206 16.92 51.31 14.07
N PHE A 207 16.20 50.54 13.25
CA PHE A 207 14.78 50.28 13.45
C PHE A 207 14.54 48.84 13.90
N LEU A 208 15.34 47.94 13.35
CA LEU A 208 15.25 46.51 13.54
C LEU A 208 16.61 46.00 14.01
N PRO A 209 16.91 46.14 15.31
CA PRO A 209 18.25 45.82 15.82
C PRO A 209 18.56 44.33 15.85
N GLY A 210 17.54 43.49 15.78
CA GLY A 210 17.78 42.05 15.83
C GLY A 210 16.56 41.30 16.29
N PRO A 211 16.66 39.97 16.32
CA PRO A 211 15.56 39.08 16.65
C PRO A 211 14.97 39.45 18.01
N ASP A 212 13.74 39.00 18.26
CA ASP A 212 13.08 39.21 19.54
C ASP A 212 12.35 37.91 19.92
N PHE A 213 13.02 37.06 20.65
CA PHE A 213 12.45 35.79 21.02
C PHE A 213 11.34 35.97 22.03
N PRO A 214 10.24 35.20 21.87
CA PRO A 214 9.11 35.12 22.82
C PRO A 214 9.62 34.67 24.18
N THR A 215 10.59 33.77 24.17
CA THR A 215 11.28 33.31 25.38
C THR A 215 12.32 34.30 25.96
N GLY A 216 12.52 35.42 25.29
CA GLY A 216 13.38 36.50 25.77
C GLY A 216 14.87 36.17 25.74
N ALA A 217 15.52 36.33 26.88
CA ALA A 217 16.95 36.06 27.04
C ALA A 217 17.82 37.19 26.48
N ILE A 218 19.10 36.86 26.33
CA ILE A 218 20.12 37.80 25.90
C ILE A 218 20.73 37.33 24.57
N ILE A 219 20.68 38.21 23.57
CA ILE A 219 21.32 37.92 22.29
C ILE A 219 22.60 38.72 22.15
N GLN A 220 23.72 38.01 21.96
CA GLN A 220 25.03 38.63 21.84
C GLN A 220 25.58 38.42 20.43
N GLY A 221 25.94 39.51 19.75
CA GLY A 221 26.62 39.40 18.48
C GLY A 221 26.17 40.36 17.42
N ARG A 222 26.33 41.65 17.68
CA ARG A 222 25.94 42.71 16.76
C ARG A 222 26.39 42.45 15.32
N ASP A 223 27.61 42.00 15.12
CA ASP A 223 28.18 41.87 13.77
C ASP A 223 27.67 40.68 13.00
N GLU A 224 27.46 39.57 13.70
CA GLU A 224 26.82 38.40 13.13
C GLU A 224 25.33 38.67 12.83
N ILE A 225 24.66 39.43 13.70
CA ILE A 225 23.33 39.88 13.36
C ILE A 225 23.35 40.63 12.02
N LYS A 226 24.28 41.60 11.90
CA LYS A 226 24.46 42.35 10.66
C LYS A 226 24.76 41.41 9.50
N LYS A 227 25.63 40.43 9.75
CA LYS A 227 26.08 39.53 8.69
C LYS A 227 24.85 38.79 8.20
N ALA A 228 24.03 38.33 9.15
CA ALA A 228 22.82 37.59 8.80
C ALA A 228 21.80 38.46 8.07
N TYR A 229 21.66 39.71 8.49
CA TYR A 229 20.73 40.58 7.78
C TYR A 229 21.18 40.87 6.34
N GLU A 230 22.47 40.68 6.05
CA GLU A 230 22.99 40.94 4.72
C GLU A 230 22.94 39.72 3.83
N THR A 231 23.21 38.57 4.41
CA THR A 231 23.45 37.35 3.64
C THR A 231 22.47 36.25 3.94
N GLY A 232 21.77 36.38 5.06
CA GLY A 232 20.85 35.36 5.50
C GLY A 232 21.48 34.27 6.33
N LYS A 233 22.81 34.32 6.49
CA LYS A 233 23.48 33.36 7.38
C LYS A 233 24.23 34.11 8.47
N GLY A 234 24.30 33.48 9.64
CA GLY A 234 24.99 34.09 10.78
C GLY A 234 24.80 33.32 12.08
N ARG A 235 25.83 33.29 12.92
CA ARG A 235 25.80 32.58 14.19
C ARG A 235 25.81 33.63 15.28
N VAL A 236 24.80 33.60 16.15
CA VAL A 236 24.68 34.57 17.24
C VAL A 236 24.65 33.77 18.55
N VAL A 237 24.96 34.38 19.69
CA VAL A 237 24.82 33.66 20.96
C VAL A 237 23.55 34.02 21.70
N VAL A 238 22.87 33.02 22.27
CA VAL A 238 21.67 33.29 23.03
C VAL A 238 21.83 32.78 24.45
N ARG A 239 21.66 33.66 25.43
CA ARG A 239 22.03 33.32 26.79
C ARG A 239 20.96 33.65 27.84
N SER A 240 20.81 32.76 28.80
CA SER A 240 19.77 32.89 29.80
C SER A 240 19.94 34.17 30.62
N LYS A 241 18.83 34.83 30.95
CA LYS A 241 18.83 35.91 31.94
C LYS A 241 19.05 35.29 33.32
N THR A 242 20.04 35.79 34.04
CA THR A 242 20.44 35.23 35.32
C THR A 242 20.66 36.30 36.41
N GLU A 243 20.19 36.02 37.60
CA GLU A 243 20.45 36.87 38.74
C GLU A 243 21.14 35.98 39.75
N ILE A 244 21.78 36.57 40.76
CA ILE A 244 22.33 35.78 41.86
C ILE A 244 21.64 36.21 43.14
N GLU A 245 21.40 35.26 44.05
CA GLU A 245 20.73 35.57 45.32
C GLU A 245 21.54 35.06 46.51
N LYS A 246 21.85 35.95 47.44
CA LYS A 246 22.71 35.58 48.57
C LYS A 246 21.90 34.91 49.68
N LEU A 247 21.81 33.59 49.62
CA LEU A 247 21.14 32.81 50.66
C LEU A 247 21.86 32.99 52.01
N LYS A 248 21.18 32.64 53.11
CA LYS A 248 21.78 32.75 54.43
C LYS A 248 22.97 31.79 54.59
N GLY A 249 23.81 32.04 55.59
CA GLY A 249 24.93 31.15 55.88
C GLY A 249 26.05 31.11 54.85
N GLY A 250 26.23 32.20 54.10
CA GLY A 250 27.36 32.35 53.19
C GLY A 250 27.27 31.64 51.84
N LYS A 251 26.11 31.04 51.58
CA LYS A 251 25.87 30.34 50.32
C LYS A 251 25.25 31.29 49.29
N GLU A 252 25.52 31.05 48.01
CA GLU A 252 24.84 31.81 46.96
C GLU A 252 23.91 30.92 46.14
N GLN A 253 23.15 31.54 45.25
CA GLN A 253 22.17 30.82 44.43
C GLN A 253 21.96 31.53 43.10
N ILE A 254 22.16 30.81 42.01
CA ILE A 254 21.96 31.36 40.67
C ILE A 254 20.51 31.17 40.24
N VAL A 255 19.82 32.25 39.90
CA VAL A 255 18.43 32.14 39.48
C VAL A 255 18.22 32.50 38.03
N ILE A 256 17.85 31.51 37.23
CA ILE A 256 17.55 31.69 35.81
C ILE A 256 16.08 32.08 35.63
N THR A 257 15.78 33.00 34.72
CA THR A 257 14.39 33.44 34.54
C THR A 257 13.96 33.56 33.09
N GLU A 258 14.90 33.47 32.17
CA GLU A 258 14.57 33.39 30.74
C GLU A 258 15.60 32.48 30.13
N ILE A 259 15.16 31.55 29.31
CA ILE A 259 16.08 30.65 28.66
C ILE A 259 16.06 30.86 27.16
N PRO A 260 16.97 30.18 26.46
CA PRO A 260 17.14 30.33 25.02
C PRO A 260 16.00 29.72 24.25
N TYR A 261 15.64 30.39 23.17
CA TYR A 261 14.62 29.94 22.25
C TYR A 261 14.83 28.51 21.79
N GLU A 262 13.72 27.77 21.72
CA GLU A 262 13.66 26.37 21.28
C GLU A 262 14.26 25.37 22.27
N ILE A 263 14.47 25.79 23.51
CA ILE A 263 15.08 24.91 24.51
C ILE A 263 14.03 24.36 25.47
N ASN A 264 14.00 23.05 25.59
CA ASN A 264 13.09 22.35 26.49
C ASN A 264 13.49 22.60 27.96
N LYS A 265 12.70 23.37 28.71
CA LYS A 265 13.04 23.74 30.09
C LYS A 265 13.45 22.53 30.91
N ALA A 266 12.59 21.52 30.87
CA ALA A 266 12.75 20.31 31.69
C ALA A 266 14.02 19.51 31.38
N ASN A 267 14.40 19.41 30.11
CA ASN A 267 15.62 18.71 29.71
C ASN A 267 16.82 19.50 30.19
N LEU A 268 16.68 20.82 30.16
CA LEU A 268 17.76 21.70 30.54
C LEU A 268 17.97 21.54 32.03
N VAL A 269 16.87 21.46 32.78
CA VAL A 269 16.98 21.37 34.22
C VAL A 269 17.64 20.07 34.59
N LYS A 270 17.34 19.03 33.82
CA LYS A 270 17.87 17.69 34.10
C LYS A 270 19.35 17.63 33.77
N LYS A 271 19.74 18.22 32.65
CA LYS A 271 21.14 18.21 32.26
C LYS A 271 22.01 19.02 33.25
N ILE A 272 21.44 20.08 33.83
CA ILE A 272 22.16 20.90 34.80
C ILE A 272 22.32 20.12 36.09
N ASP A 273 21.31 19.36 36.44
CA ASP A 273 21.39 18.48 37.60
C ASP A 273 22.35 17.31 37.33
N ASP A 274 22.48 16.92 36.07
CA ASP A 274 23.42 15.86 35.69
C ASP A 274 24.83 16.32 36.01
N VAL A 275 25.07 17.61 35.72
CA VAL A 275 26.33 18.23 36.05
C VAL A 275 26.58 18.14 37.56
N ARG A 276 25.54 18.33 38.36
CA ARG A 276 25.73 18.26 39.80
C ARG A 276 25.93 16.82 40.31
N VAL A 277 25.12 15.90 39.83
CA VAL A 277 25.23 14.50 40.22
C VAL A 277 26.57 13.90 39.79
N ASN A 278 27.10 14.35 38.65
CA ASN A 278 28.37 13.81 38.18
C ASN A 278 29.59 14.59 38.68
N ASN A 279 29.35 15.70 39.36
CA ASN A 279 30.43 16.57 39.83
C ASN A 279 31.49 16.89 38.75
N LYS A 280 31.02 17.23 37.55
CA LYS A 280 31.90 17.60 36.45
C LYS A 280 32.64 18.88 36.81
N VAL A 281 31.92 19.74 37.53
CA VAL A 281 32.50 20.92 38.17
C VAL A 281 31.97 20.93 39.59
N ALA A 282 32.76 21.46 40.53
CA ALA A 282 32.40 21.45 41.94
C ALA A 282 31.58 22.69 42.32
N GLY A 283 30.67 22.54 43.27
CA GLY A 283 29.91 23.68 43.73
C GLY A 283 28.40 23.56 43.86
N ILE A 284 27.73 22.80 42.99
CA ILE A 284 26.26 22.82 42.95
C ILE A 284 25.63 22.00 44.09
N ALA A 285 24.83 22.69 44.91
CA ALA A 285 24.22 22.09 46.09
C ALA A 285 22.95 21.36 45.70
N GLU A 286 22.07 22.05 44.98
CA GLU A 286 20.84 21.44 44.53
C GLU A 286 20.29 22.17 43.30
N VAL A 287 19.67 21.43 42.39
CA VAL A 287 18.91 22.04 41.30
C VAL A 287 17.40 21.91 41.57
N ARG A 288 16.68 23.01 41.35
CA ARG A 288 15.28 23.12 41.76
C ARG A 288 14.54 23.89 40.69
N ASP A 289 13.64 23.23 39.97
CA ASP A 289 12.79 23.96 39.03
C ASP A 289 11.64 24.54 39.85
N GLU A 290 11.53 25.87 39.87
CA GLU A 290 10.52 26.51 40.69
C GLU A 290 9.49 27.27 39.86
N SER A 291 9.42 26.95 38.57
CA SER A 291 8.48 27.61 37.68
C SER A 291 7.07 27.19 38.02
N ASP A 292 6.19 28.18 38.24
CA ASP A 292 4.77 27.88 38.36
C ASP A 292 4.03 28.38 37.12
N ARG A 293 2.70 28.37 37.18
CA ARG A 293 1.87 28.75 36.06
C ARG A 293 2.10 30.19 35.59
N ASP A 294 2.69 31.01 36.46
CA ASP A 294 2.94 32.41 36.13
C ASP A 294 4.35 32.88 36.49
N GLY A 295 5.33 32.29 35.82
CA GLY A 295 6.71 32.64 36.07
C GLY A 295 7.66 31.49 35.84
N LEU A 296 8.75 31.78 35.14
CA LEU A 296 9.83 30.82 34.94
C LEU A 296 10.95 31.09 35.96
N ARG A 297 11.30 30.09 36.75
CA ARG A 297 12.34 30.25 37.77
C ARG A 297 13.06 28.96 38.09
N ILE A 298 14.35 28.92 37.75
CA ILE A 298 15.20 27.80 38.12
C ILE A 298 16.22 28.24 39.16
N ALA A 299 16.31 27.49 40.25
CA ALA A 299 17.26 27.79 41.31
C ALA A 299 18.40 26.77 41.24
N ILE A 300 19.61 27.28 41.05
CA ILE A 300 20.83 26.48 41.14
C ILE A 300 21.55 26.91 42.41
N GLU A 301 21.21 26.26 43.52
CA GLU A 301 21.81 26.56 44.82
C GLU A 301 23.27 26.10 44.87
N LEU A 302 24.14 26.97 45.35
CA LEU A 302 25.56 26.63 45.43
C LEU A 302 26.00 26.29 46.86
N LYS A 303 27.06 25.49 46.97
CA LYS A 303 27.65 25.16 48.26
C LYS A 303 28.37 26.37 48.85
N LYS A 304 28.57 26.36 50.17
CA LYS A 304 29.36 27.38 50.85
C LYS A 304 30.78 27.40 50.29
N ASP A 305 31.27 28.58 49.94
CA ASP A 305 32.63 28.70 49.42
C ASP A 305 32.71 28.02 48.05
N ALA A 306 31.69 28.26 47.24
CA ALA A 306 31.65 27.76 45.87
C ALA A 306 31.91 28.91 44.91
N ASN A 307 32.80 28.70 43.95
CA ASN A 307 33.14 29.75 43.00
C ASN A 307 32.05 29.96 41.94
N THR A 308 31.12 30.87 42.22
CA THR A 308 29.92 30.97 41.40
C THR A 308 30.20 31.35 39.94
N GLU A 309 31.25 32.10 39.68
CA GLU A 309 31.55 32.46 38.31
C GLU A 309 32.00 31.22 37.54
N LEU A 310 32.78 30.35 38.18
CA LEU A 310 33.27 29.14 37.50
C LEU A 310 32.08 28.26 37.12
N VAL A 311 31.19 28.03 38.08
CA VAL A 311 30.02 27.19 37.85
C VAL A 311 29.16 27.74 36.71
N LEU A 312 28.87 29.03 36.77
CA LEU A 312 28.04 29.68 35.75
C LEU A 312 28.61 29.51 34.37
N ASN A 313 29.86 29.91 34.22
CA ASN A 313 30.57 29.78 32.95
C ASN A 313 30.56 28.35 32.43
N TYR A 314 30.77 27.38 33.31
CA TYR A 314 30.78 25.98 32.88
C TYR A 314 29.40 25.55 32.36
N LEU A 315 28.36 25.94 33.08
CA LEU A 315 27.00 25.64 32.65
C LEU A 315 26.71 26.34 31.32
N PHE A 316 27.23 27.55 31.14
CA PHE A 316 27.00 28.26 29.88
C PHE A 316 27.56 27.49 28.70
N LYS A 317 28.71 26.82 28.91
CA LYS A 317 29.45 26.16 27.83
C LYS A 317 28.98 24.72 27.63
N TYR A 318 28.71 24.02 28.72
CA TYR A 318 28.41 22.60 28.65
C TYR A 318 26.93 22.22 28.78
N THR A 319 26.07 23.22 28.87
CA THR A 319 24.64 22.98 28.72
C THR A 319 24.05 23.97 27.72
N ASP A 320 22.72 23.95 27.65
CA ASP A 320 21.97 24.82 26.78
C ASP A 320 21.51 26.03 27.59
N LEU A 321 22.04 26.17 28.80
CA LEU A 321 21.87 27.43 29.54
C LEU A 321 22.28 28.57 28.61
N GLN A 322 23.15 28.23 27.66
CA GLN A 322 23.58 29.11 26.59
C GLN A 322 23.86 28.26 25.36
N ILE A 323 23.33 28.74 24.22
CA ILE A 323 23.45 28.11 22.92
C ILE A 323 23.88 29.10 21.84
N ASN A 324 24.30 28.56 20.71
CA ASN A 324 24.48 29.32 19.49
C ASN A 324 23.20 29.25 18.66
N TYR A 325 22.75 30.37 18.12
CA TYR A 325 21.61 30.35 17.20
C TYR A 325 22.07 30.71 15.80
N ASN A 326 21.79 29.84 14.85
CA ASN A 326 22.19 30.03 13.45
C ASN A 326 21.07 30.49 12.52
N PHE A 327 21.19 31.70 11.99
CA PHE A 327 20.37 32.16 10.90
C PHE A 327 20.65 31.32 9.67
N ASN A 328 19.61 31.00 8.93
CA ASN A 328 19.74 30.36 7.62
C ASN A 328 18.48 30.72 6.86
N MET A 329 18.25 32.03 6.76
CA MET A 329 17.05 32.58 6.15
C MET A 329 16.85 32.16 4.70
N VAL A 330 16.17 31.04 4.50
CA VAL A 330 15.68 30.61 3.20
C VAL A 330 14.14 30.71 3.11
N ALA A 331 13.64 31.29 2.03
CA ALA A 331 12.20 31.38 1.82
C ALA A 331 11.90 31.11 0.37
N ILE A 332 10.62 31.04 0.02
CA ILE A 332 10.23 30.77 -1.35
C ILE A 332 9.81 32.06 -2.01
N ASP A 333 10.56 32.42 -3.04
CA ASP A 333 10.36 33.65 -3.79
C ASP A 333 10.16 33.24 -5.24
N ASN A 334 9.07 33.72 -5.85
CA ASN A 334 8.76 33.35 -7.21
C ASN A 334 9.06 31.85 -7.45
N PHE A 335 8.38 31.02 -6.66
CA PHE A 335 8.33 29.58 -6.83
C PHE A 335 9.60 28.82 -6.53
N THR A 336 10.66 29.53 -6.20
CA THR A 336 11.94 28.89 -6.00
C THR A 336 12.59 29.30 -4.66
N PRO A 337 13.43 28.42 -4.09
CA PRO A 337 14.09 28.74 -2.80
C PRO A 337 15.20 29.80 -2.94
N ARG A 338 15.20 30.76 -2.03
CA ARG A 338 16.19 31.85 -2.03
C ARG A 338 16.80 32.00 -0.65
N GLN A 339 18.10 32.18 -0.60
CA GLN A 339 18.69 32.61 0.65
C GLN A 339 18.58 34.11 0.59
N VAL A 340 18.06 34.71 1.66
CA VAL A 340 17.78 36.13 1.63
C VAL A 340 18.09 36.82 2.96
N ILE A 342 18.02 39.87 2.90
CA ILE A 342 16.97 40.76 3.33
C ILE A 342 16.38 41.60 2.19
N VAL A 343 17.20 41.95 1.19
CA VAL A 343 16.76 42.88 0.16
C VAL A 343 15.73 42.32 -0.83
N PRO A 344 16.03 41.19 -1.47
CA PRO A 344 15.01 40.50 -2.30
C PRO A 344 13.75 40.08 -1.52
N ILE A 345 13.90 39.67 -0.25
CA ILE A 345 12.75 39.35 0.60
C ILE A 345 11.77 40.53 0.75
N LEU A 346 12.26 41.63 1.28
CA LEU A 346 11.45 42.83 1.46
C LEU A 346 10.90 43.35 0.14
N SER A 347 11.66 43.16 -0.92
CA SER A 347 11.24 43.80 -2.15
C SER A 347 10.13 42.98 -2.79
N SER A 348 10.27 41.66 -2.72
CA SER A 348 9.22 40.74 -3.18
C SER A 348 7.94 41.00 -2.40
N TYR A 349 8.08 41.17 -1.10
CA TYR A 349 6.93 41.45 -0.27
C TYR A 349 6.24 42.73 -0.72
N ILE A 350 7.04 43.77 -0.97
CA ILE A 350 6.52 45.07 -1.38
C ILE A 350 5.81 45.00 -2.73
N ALA A 351 6.36 44.21 -3.66
CA ALA A 351 5.75 44.05 -4.98
C ALA A 351 4.47 43.26 -4.85
N HIS A 352 4.49 42.28 -3.95
CA HIS A 352 3.30 41.50 -3.65
C HIS A 352 2.17 42.36 -3.10
N ARG A 353 2.45 43.15 -2.06
CA ARG A 353 1.44 44.05 -1.51
C ARG A 353 0.90 45.00 -2.57
N ARG A 354 1.75 45.34 -3.53
CA ARG A 354 1.35 46.24 -4.60
C ARG A 354 0.28 45.56 -5.43
N GLU A 355 0.59 44.37 -5.94
CA GLU A 355 -0.39 43.58 -6.70
C GLU A 355 -1.69 43.45 -5.89
N VAL A 356 -1.54 43.05 -4.63
CA VAL A 356 -2.68 42.90 -3.77
C VAL A 356 -3.53 44.16 -3.67
N ILE A 357 -2.92 45.26 -3.26
CA ILE A 357 -3.68 46.49 -3.12
C ILE A 357 -4.27 46.94 -4.47
N LEU A 358 -3.51 46.81 -5.55
CA LEU A 358 -4.06 47.19 -6.84
C LEU A 358 -5.30 46.34 -7.13
N ALA A 359 -5.17 45.03 -6.98
CA ALA A 359 -6.28 44.10 -7.22
C ALA A 359 -7.49 44.37 -6.30
N ARG A 360 -7.24 44.53 -5.01
CA ARG A 360 -8.32 44.85 -4.09
C ARG A 360 -9.10 46.05 -4.61
N SER A 361 -8.37 47.07 -5.06
CA SER A 361 -8.98 48.34 -5.44
C SER A 361 -9.76 48.23 -6.74
N ARG A 362 -9.28 47.43 -7.69
CA ARG A 362 -10.05 47.17 -8.90
C ARG A 362 -11.35 46.51 -8.52
N PHE A 363 -11.27 45.54 -7.62
CA PHE A 363 -12.44 44.80 -7.18
C PHE A 363 -13.50 45.71 -6.54
N ASP A 364 -13.11 46.52 -5.55
CA ASP A 364 -14.08 47.41 -4.93
C ASP A 364 -14.64 48.43 -5.91
N LYS A 365 -13.82 48.85 -6.87
CA LYS A 365 -14.23 49.90 -7.80
C LYS A 365 -15.26 49.32 -8.75
N GLU A 366 -14.98 48.12 -9.22
CA GLU A 366 -15.92 47.34 -10.01
C GLU A 366 -17.30 47.26 -9.30
N LYS A 367 -17.31 46.82 -8.04
CA LYS A 367 -18.53 46.80 -7.25
C LYS A 367 -19.22 48.14 -7.21
N ALA A 368 -18.45 49.18 -6.91
CA ALA A 368 -18.99 50.53 -6.79
C ALA A 368 -19.60 51.03 -8.10
N GLU A 369 -18.96 50.69 -9.23
CA GLU A 369 -19.48 51.10 -10.51
C GLU A 369 -20.81 50.40 -10.86
N LYS A 370 -20.84 49.07 -10.71
CA LYS A 370 -22.04 48.26 -11.02
C LYS A 370 -23.23 48.86 -10.29
N ARG A 371 -22.99 49.22 -9.04
CA ARG A 371 -23.98 49.87 -8.20
C ARG A 371 -24.37 51.27 -8.66
N LEU A 372 -23.37 52.08 -9.00
CA LEU A 372 -23.59 53.44 -9.42
C LEU A 372 -24.44 53.42 -10.70
N HIS A 373 -24.08 52.52 -11.60
CA HIS A 373 -24.83 52.28 -12.82
C HIS A 373 -26.32 51.98 -12.59
N ILE A 374 -26.62 51.17 -11.56
CA ILE A 374 -28.01 50.83 -11.23
C ILE A 374 -28.74 52.01 -10.61
N VAL A 375 -28.16 52.56 -9.55
CA VAL A 375 -28.67 53.80 -8.96
C VAL A 375 -28.96 54.90 -10.00
N GLU A 376 -28.15 54.99 -11.05
CA GLU A 376 -28.44 55.94 -12.14
C GLU A 376 -29.71 55.61 -12.88
N GLY A 377 -29.89 54.33 -13.23
CA GLY A 377 -31.12 53.87 -13.82
C GLY A 377 -32.37 54.12 -12.96
N LEU A 378 -32.28 53.86 -11.67
CA LEU A 378 -33.42 54.05 -10.77
C LEU A 378 -33.83 55.51 -10.64
N ILE A 379 -32.84 56.40 -10.55
CA ILE A 379 -33.10 57.83 -10.50
C ILE A 379 -33.92 58.21 -11.73
N ARG A 380 -33.55 57.64 -12.88
CA ARG A 380 -34.26 57.86 -14.13
C ARG A 380 -35.67 57.27 -14.12
N VAL A 381 -35.77 56.00 -13.75
CA VAL A 381 -37.05 55.33 -13.68
C VAL A 381 -38.11 56.16 -12.95
N ILE A 382 -37.70 56.85 -11.89
CA ILE A 382 -38.68 57.56 -11.06
C ILE A 382 -39.31 58.72 -11.81
N SER A 383 -38.58 59.23 -12.78
CA SER A 383 -39.02 60.34 -13.60
C SER A 383 -40.03 59.86 -14.63
N ILE A 384 -40.09 58.55 -14.80
CA ILE A 384 -40.94 57.91 -15.81
C ILE A 384 -41.64 56.64 -15.33
N LEU A 385 -42.19 56.12 -13.05
CA LEU A 385 -42.81 54.97 -12.40
C LEU A 385 -44.06 54.50 -13.09
N ASP A 386 -45.02 55.42 -13.21
CA ASP A 386 -46.33 55.08 -13.74
C ASP A 386 -46.30 54.39 -15.07
N GLU A 387 -45.45 54.88 -15.97
CA GLU A 387 -45.32 54.27 -17.30
C GLU A 387 -44.42 53.05 -17.31
N VAL A 388 -43.52 52.94 -16.34
CA VAL A 388 -42.73 51.71 -16.19
C VAL A 388 -43.58 50.55 -15.63
N ILE A 389 -44.47 50.83 -14.69
CA ILE A 389 -45.38 49.79 -14.21
C ILE A 389 -46.34 49.38 -15.32
N ALA A 390 -46.83 50.37 -16.06
CA ALA A 390 -47.68 50.13 -17.21
C ALA A 390 -47.00 49.20 -18.22
N LEU A 391 -45.72 49.46 -18.46
CA LEU A 391 -44.94 48.70 -19.42
C LEU A 391 -44.78 47.25 -18.96
N ILE A 392 -44.48 47.06 -17.67
CA ILE A 392 -44.37 45.71 -17.14
C ILE A 392 -45.74 45.03 -17.12
N ARG A 393 -46.77 45.80 -16.81
CA ARG A 393 -48.14 45.33 -16.93
C ARG A 393 -48.45 44.81 -18.35
N ALA A 394 -47.86 45.44 -19.35
CA ALA A 394 -48.10 45.09 -20.75
C ALA A 394 -47.13 44.05 -21.30
N SER A 395 -46.07 43.76 -20.54
CA SER A 395 -45.11 42.77 -20.98
C SER A 395 -45.70 41.36 -20.83
N GLU A 396 -45.17 40.42 -21.61
CA GLU A 396 -45.71 39.07 -21.69
C GLU A 396 -45.13 38.18 -20.59
N ASN A 397 -43.93 38.53 -20.12
CA ASN A 397 -43.23 37.79 -19.07
C ASN A 397 -41.94 38.52 -18.70
N LYS A 398 -41.14 37.92 -17.81
CA LYS A 398 -39.94 38.60 -17.37
C LYS A 398 -39.07 39.06 -18.55
N ALA A 399 -38.64 38.11 -19.37
CA ALA A 399 -37.76 38.44 -20.48
C ALA A 399 -38.35 39.51 -21.41
N ASP A 400 -39.65 39.45 -21.69
CA ASP A 400 -40.26 40.49 -22.54
C ASP A 400 -40.29 41.86 -21.85
N ALA A 401 -40.45 41.86 -20.53
CA ALA A 401 -40.48 43.09 -19.76
C ALA A 401 -39.13 43.85 -19.81
N LYS A 402 -38.05 43.11 -19.61
CA LYS A 402 -36.72 43.65 -19.73
C LYS A 402 -36.51 44.23 -21.12
N GLU A 403 -36.76 43.42 -22.15
CA GLU A 403 -36.66 43.89 -23.52
C GLU A 403 -37.40 45.21 -23.71
N ASN A 404 -38.65 45.27 -23.26
CA ASN A 404 -39.44 46.49 -23.42
C ASN A 404 -38.84 47.70 -22.68
N LEU A 405 -38.16 47.44 -21.58
CA LEU A 405 -37.56 48.52 -20.80
C LEU A 405 -36.33 49.06 -21.52
N LYS A 406 -35.57 48.17 -22.14
CA LYS A 406 -34.43 48.58 -22.95
C LYS A 406 -34.93 49.40 -24.13
N VAL A 407 -35.75 48.78 -24.95
CA VAL A 407 -36.23 49.41 -26.17
C VAL A 407 -36.96 50.74 -25.94
N SER A 408 -37.86 50.79 -24.96
CA SER A 408 -38.68 51.99 -24.81
C SER A 408 -37.98 53.11 -24.01
N TYR A 409 -37.07 52.76 -23.11
CA TYR A 409 -36.49 53.77 -22.22
C TYR A 409 -34.98 53.70 -22.06
N ASP A 410 -34.33 52.83 -22.82
CA ASP A 410 -32.86 52.79 -22.90
C ASP A 410 -32.13 52.22 -21.69
N PHE A 411 -32.84 51.66 -20.73
CA PHE A 411 -32.17 50.98 -19.65
C PHE A 411 -31.32 49.85 -20.24
N THR A 412 -30.17 49.60 -19.63
CA THR A 412 -29.40 48.40 -19.97
C THR A 412 -29.97 47.13 -19.34
N GLU A 413 -29.53 45.99 -19.85
CA GLU A 413 -29.82 44.70 -19.25
C GLU A 413 -29.72 44.73 -17.72
N GLU A 414 -28.53 45.02 -17.21
CA GLU A 414 -28.30 45.01 -15.77
C GLU A 414 -29.30 45.87 -14.98
N GLN A 415 -29.70 46.99 -15.55
CA GLN A 415 -30.66 47.88 -14.90
C GLN A 415 -32.07 47.32 -15.02
N ALA A 416 -32.36 46.76 -16.19
CA ALA A 416 -33.64 46.13 -16.46
C ALA A 416 -33.88 44.98 -15.47
N GLU A 417 -32.85 44.14 -15.30
CA GLU A 417 -32.90 43.05 -14.35
C GLU A 417 -33.21 43.57 -12.97
N ALA A 418 -32.49 44.61 -12.54
CA ALA A 418 -32.74 45.16 -11.21
C ALA A 418 -34.17 45.69 -11.06
N ILE A 419 -34.65 46.37 -12.09
CA ILE A 419 -35.92 47.08 -11.99
C ILE A 419 -37.05 46.09 -11.88
N VAL A 420 -36.91 45.03 -12.64
CA VAL A 420 -37.95 44.05 -12.85
C VAL A 420 -38.00 43.04 -11.71
N THR A 421 -36.89 42.93 -10.96
CA THR A 421 -36.86 42.04 -9.80
C THR A 421 -37.08 42.78 -8.49
N LEU A 422 -37.52 44.03 -8.58
CA LEU A 422 -37.91 44.77 -7.37
C LEU A 422 -39.20 44.17 -6.78
N GLN A 423 -39.31 44.19 -5.46
CA GLN A 423 -40.53 43.78 -4.82
C GLN A 423 -41.57 44.89 -4.90
N LEU A 424 -42.84 44.50 -4.99
CA LEU A 424 -43.94 45.44 -5.14
C LEU A 424 -43.89 46.57 -4.12
N TYR A 425 -43.35 46.31 -2.94
CA TYR A 425 -43.50 47.31 -1.88
C TYR A 425 -42.60 48.52 -2.17
N ARG A 426 -41.56 48.30 -2.95
CA ARG A 426 -40.68 49.38 -3.35
C ARG A 426 -41.43 50.50 -4.02
N LEU A 427 -42.54 50.20 -4.68
CA LEU A 427 -43.28 51.26 -5.37
C LEU A 427 -43.85 52.33 -4.44
N THR A 428 -43.70 52.14 -3.13
CA THR A 428 -44.21 53.08 -2.14
C THR A 428 -43.24 54.24 -1.98
N ASN A 429 -41.99 53.99 -2.36
CA ASN A 429 -40.94 55.00 -2.28
C ASN A 429 -40.84 55.95 -3.45
N ASP A 431 -38.57 59.34 -3.59
CA ASP A 431 -37.50 60.19 -3.08
C ASP A 431 -36.23 59.96 -3.88
N VAL A 432 -35.95 60.90 -4.76
CA VAL A 432 -34.75 60.84 -5.57
C VAL A 432 -33.52 61.27 -4.75
N VAL A 433 -33.74 62.07 -3.72
CA VAL A 433 -32.66 62.61 -2.90
C VAL A 433 -31.79 61.55 -2.21
N VAL A 434 -32.43 60.56 -1.57
CA VAL A 434 -31.69 59.50 -0.90
C VAL A 434 -30.75 58.82 -1.91
N LEU A 435 -31.30 58.52 -3.09
CA LEU A 435 -30.54 57.93 -4.19
C LEU A 435 -29.37 58.83 -4.63
N GLN A 436 -29.63 60.12 -4.78
CA GLN A 436 -28.57 61.05 -5.16
C GLN A 436 -27.44 61.14 -4.14
N GLU A 437 -27.77 61.11 -2.85
CA GLU A 437 -26.75 61.00 -1.83
C GLU A 437 -25.89 59.76 -2.11
N GLU A 438 -26.51 58.63 -2.43
CA GLU A 438 -25.74 57.41 -2.70
C GLU A 438 -24.85 57.53 -3.95
N GLU A 439 -25.40 58.13 -5.00
CA GLU A 439 -24.72 58.37 -6.26
C GLU A 439 -23.44 59.19 -5.99
N ALA A 440 -23.57 60.17 -5.10
CA ALA A 440 -22.44 61.04 -4.79
C ALA A 440 -21.38 60.30 -3.98
N GLU A 441 -21.81 59.54 -2.98
CA GLU A 441 -20.86 58.79 -2.17
C GLU A 441 -20.11 57.76 -3.02
N LEU A 442 -20.79 57.15 -3.99
CA LEU A 442 -20.16 56.20 -4.90
C LEU A 442 -19.13 56.85 -5.82
N ARG A 443 -19.46 58.04 -6.31
CA ARG A 443 -18.53 58.77 -7.15
C ARG A 443 -17.25 59.12 -6.40
N GLU A 444 -17.38 59.59 -5.17
CA GLU A 444 -16.20 59.85 -4.36
C GLU A 444 -15.40 58.56 -4.17
N LYS A 445 -16.10 57.48 -3.86
CA LYS A 445 -15.46 56.22 -3.54
C LYS A 445 -14.65 55.75 -4.77
N ILE A 446 -15.26 55.85 -5.93
CA ILE A 446 -14.59 55.49 -7.18
C ILE A 446 -13.37 56.37 -7.51
N ALA A 447 -13.45 57.65 -7.16
CA ALA A 447 -12.31 58.53 -7.40
C ALA A 447 -11.13 58.10 -6.54
N MET A 448 -11.34 57.90 -5.24
CA MET A 448 -10.26 57.44 -4.39
C MET A 448 -9.61 56.19 -4.95
N LEU A 449 -10.41 55.21 -5.30
CA LEU A 449 -9.86 53.95 -5.76
C LEU A 449 -9.13 54.12 -7.10
N ALA A 450 -9.70 54.91 -8.00
CA ALA A 450 -9.13 55.03 -9.33
C ALA A 450 -7.75 55.70 -9.26
N ALA A 451 -7.61 56.67 -8.37
CA ALA A 451 -6.32 57.30 -8.10
C ALA A 451 -5.29 56.27 -7.67
N ILE A 452 -5.55 55.59 -6.56
CA ILE A 452 -4.71 54.49 -6.13
C ILE A 452 -4.21 53.66 -7.29
N ILE A 453 -5.10 53.37 -8.22
CA ILE A 453 -4.73 52.51 -9.33
C ILE A 453 -3.79 53.23 -10.32
N GLY A 454 -4.05 54.52 -10.56
CA GLY A 454 -3.37 55.25 -11.60
C GLY A 454 -2.09 55.95 -11.16
N ASP A 455 -1.89 56.07 -9.85
CA ASP A 455 -0.77 56.78 -9.30
C ASP A 455 0.03 55.99 -8.27
N GLU A 456 0.43 54.22 -7.22
CA GLU A 456 1.35 53.50 -6.37
C GLU A 456 1.60 54.13 -4.99
N ARG A 457 1.70 55.45 -4.93
CA ARG A 457 2.03 56.10 -3.67
C ARG A 457 0.85 56.08 -2.70
N THR A 458 -0.35 56.27 -3.23
CA THR A 458 -1.54 56.27 -2.42
C THR A 458 -1.67 54.90 -1.77
N MET A 459 -1.39 53.87 -2.56
CA MET A 459 -1.46 52.49 -2.11
C MET A 459 -0.42 52.19 -1.00
N TYR A 460 0.84 52.53 -1.23
CA TYR A 460 1.87 52.35 -0.21
C TYR A 460 1.57 53.11 1.09
N ASN A 461 0.96 54.29 1.00
CA ASN A 461 0.55 54.97 2.22
C ASN A 461 -0.48 54.15 3.01
N LEU A 462 -1.39 53.50 2.30
CA LEU A 462 -2.44 52.73 2.94
C LEU A 462 -1.76 51.60 3.69
N MET A 463 -0.82 50.95 3.01
CA MET A 463 -0.10 49.82 3.54
C MET A 463 0.72 50.19 4.77
N LYS A 464 1.25 51.40 4.79
CA LYS A 464 1.99 51.85 5.96
C LYS A 464 0.98 52.17 7.07
N LYS A 465 -0.08 52.88 6.69
CA LYS A 465 -1.11 53.27 7.63
C LYS A 465 -1.64 52.02 8.35
N GLU A 466 -1.72 50.91 7.62
CA GLU A 466 -2.31 49.68 8.17
C GLU A 466 -1.31 48.91 9.00
N LEU A 467 -0.04 48.99 8.61
CA LEU A 467 1.02 48.31 9.35
C LEU A 467 1.23 49.00 10.70
N ARG A 468 1.08 50.32 10.73
CA ARG A 468 1.23 51.06 11.98
C ARG A 468 0.09 50.72 12.92
N GLU A 469 -1.12 50.58 12.39
CA GLU A 469 -2.25 50.18 13.22
C GLU A 469 -1.97 48.83 13.88
N VAL A 470 -1.49 47.87 13.09
CA VAL A 470 -1.21 46.54 13.59
C VAL A 470 -0.16 46.59 14.70
N LYS A 471 0.78 47.50 14.56
CA LYS A 471 1.86 47.63 15.52
C LYS A 471 1.30 48.23 16.80
N LYS A 472 0.51 49.29 16.65
CA LYS A 472 -0.03 49.98 17.81
C LYS A 472 -0.85 49.01 18.63
N LYS A 473 -1.47 48.06 17.94
CA LYS A 473 -2.36 47.13 18.59
C LYS A 473 -1.62 45.98 19.25
N PHE A 474 -0.66 45.38 18.55
CA PHE A 474 -0.05 44.13 19.01
C PHE A 474 1.39 44.23 19.49
N THR A 476 3.99 45.26 21.13
CA THR A 476 4.35 44.96 22.51
C THR A 476 5.85 45.19 22.65
N PRO A 477 6.35 45.27 23.89
CA PRO A 477 7.76 45.55 24.17
C PRO A 477 8.72 44.39 23.86
N ARG A 478 9.99 44.70 23.58
CA ARG A 478 11.05 43.71 23.43
C ARG A 478 11.11 42.78 24.63
N LEU A 479 11.42 41.52 24.37
CA LEU A 479 11.62 40.56 25.45
C LEU A 479 13.11 40.28 25.59
N SER A 480 13.78 40.10 24.46
CA SER A 480 15.20 39.74 24.42
C SER A 480 16.12 40.97 24.35
N SER A 481 17.01 41.10 25.33
CA SER A 481 18.01 42.17 25.31
C SER A 481 19.06 41.92 24.24
N LEU A 482 19.60 43.01 23.71
CA LEU A 482 20.69 42.95 22.73
C LEU A 482 22.02 43.37 23.35
N GLU A 483 23.08 42.67 22.93
CA GLU A 483 24.42 42.94 23.43
C GLU A 483 25.48 42.80 22.32
N ASP A 484 26.44 43.72 22.32
CA ASP A 484 27.48 43.76 21.30
C ASP A 484 28.34 42.50 21.33
N ALA B 47 -28.47 -67.09 -1.98
CA ALA B 47 -27.67 -67.64 -0.88
C ALA B 47 -26.56 -66.66 -0.51
N VAL B 48 -26.33 -65.68 -1.38
CA VAL B 48 -25.45 -64.55 -1.08
C VAL B 48 -26.36 -63.37 -0.72
N ARG B 49 -27.61 -63.49 -1.18
CA ARG B 49 -28.65 -62.52 -0.88
C ARG B 49 -28.82 -62.31 0.62
N LYS B 50 -28.51 -63.36 1.39
CA LYS B 50 -28.76 -63.39 2.84
C LYS B 50 -27.71 -62.67 3.69
N ARG B 51 -26.44 -62.77 3.29
CA ARG B 51 -25.38 -62.03 3.96
C ARG B 51 -24.60 -61.22 2.93
N PRO B 52 -25.23 -60.16 2.39
CA PRO B 52 -24.75 -59.40 1.22
C PRO B 52 -23.46 -58.62 1.49
N GLY B 53 -23.31 -58.14 2.72
CA GLY B 53 -22.11 -57.41 3.11
C GLY B 53 -20.86 -58.22 2.92
N MET B 54 -20.96 -59.53 3.13
CA MET B 54 -19.81 -60.42 3.01
C MET B 54 -19.27 -60.42 1.57
N TYR B 55 -20.18 -60.34 0.60
CA TYR B 55 -19.78 -60.41 -0.80
C TYR B 55 -19.47 -59.04 -1.38
N ILE B 56 -20.01 -58.01 -0.74
CA ILE B 56 -19.96 -56.65 -1.30
C ILE B 56 -19.63 -55.54 -0.28
N GLY B 57 -20.06 -55.73 0.97
CA GLY B 57 -20.04 -54.66 1.95
C GLY B 57 -21.17 -53.70 1.65
N SER B 58 -22.41 -54.12 1.88
CA SER B 58 -23.59 -53.31 1.54
C SER B 58 -23.46 -51.91 2.10
N THR B 59 -24.07 -50.94 1.42
CA THR B 59 -24.03 -49.55 1.83
C THR B 59 -25.10 -48.73 1.12
N ASP B 60 -24.94 -47.41 1.18
CA ASP B 60 -25.86 -46.48 0.53
C ASP B 60 -25.10 -45.25 0.06
N GLY B 61 -24.52 -45.36 -1.14
CA GLY B 61 -24.64 -46.57 -1.93
C GLY B 61 -23.27 -47.06 -2.34
N ALA B 62 -22.37 -47.16 -1.38
CA ALA B 62 -21.03 -47.63 -1.66
C ALA B 62 -21.08 -49.10 -2.02
N GLY B 63 -22.12 -49.80 -1.57
CA GLY B 63 -22.29 -51.19 -1.90
C GLY B 63 -22.76 -51.33 -3.34
N LEU B 64 -23.80 -50.57 -3.66
CA LEU B 64 -24.32 -50.53 -5.03
C LEU B 64 -23.19 -50.21 -5.98
N HIS B 65 -22.39 -49.21 -5.61
CA HIS B 65 -21.26 -48.87 -6.43
C HIS B 65 -20.10 -49.85 -6.27
N HIS B 66 -20.36 -50.98 -5.61
CA HIS B 66 -19.32 -51.98 -5.46
C HIS B 66 -19.53 -53.17 -6.38
N LEU B 67 -20.78 -53.58 -6.60
CA LEU B 67 -20.96 -54.68 -7.56
C LEU B 67 -20.81 -54.24 -9.01
N VAL B 68 -20.95 -52.94 -9.26
CA VAL B 68 -20.67 -52.45 -10.60
C VAL B 68 -19.16 -52.52 -10.83
N TRP B 69 -18.40 -52.17 -9.80
CA TRP B 69 -16.96 -52.37 -9.83
C TRP B 69 -16.66 -53.82 -10.11
N GLU B 70 -17.32 -54.71 -9.40
CA GLU B 70 -17.08 -56.15 -9.61
C GLU B 70 -17.34 -56.59 -11.04
N ILE B 71 -18.46 -56.15 -11.64
CA ILE B 71 -18.81 -56.57 -13.00
C ILE B 71 -17.89 -55.98 -14.05
N VAL B 72 -17.61 -54.69 -13.89
CA VAL B 72 -16.75 -53.99 -14.82
C VAL B 72 -15.34 -54.57 -14.80
N ASP B 73 -14.81 -54.79 -13.60
CA ASP B 73 -13.47 -55.36 -13.45
C ASP B 73 -13.49 -56.78 -13.94
N ASN B 74 -14.64 -57.43 -13.85
CA ASN B 74 -14.71 -58.79 -14.36
C ASN B 74 -14.65 -58.85 -15.88
N ALA B 75 -15.38 -57.96 -16.53
CA ALA B 75 -15.43 -57.92 -17.98
C ALA B 75 -14.09 -57.40 -18.53
N VAL B 76 -13.42 -56.56 -17.73
CA VAL B 76 -12.05 -56.14 -18.05
C VAL B 76 -11.18 -57.38 -18.03
N ASP B 77 -11.20 -58.08 -16.89
CA ASP B 77 -10.40 -59.28 -16.71
C ASP B 77 -10.63 -60.22 -17.87
N GLU B 78 -11.86 -60.26 -18.36
CA GLU B 78 -12.18 -61.14 -19.46
C GLU B 78 -11.57 -60.63 -20.77
N ALA B 79 -11.63 -59.31 -21.01
CA ALA B 79 -11.08 -58.75 -22.23
C ALA B 79 -9.56 -58.88 -22.29
N LEU B 80 -8.92 -58.83 -21.13
CA LEU B 80 -7.46 -58.93 -21.04
C LEU B 80 -6.90 -60.25 -21.61
N SER B 81 -7.61 -61.36 -21.36
CA SER B 81 -7.15 -62.70 -21.75
C SER B 81 -7.45 -63.00 -23.23
N ASP B 85 -11.46 -55.94 -25.79
CA ASP B 85 -10.67 -54.74 -26.03
C ASP B 85 -11.52 -53.46 -26.02
N ARG B 86 -12.83 -53.61 -25.76
CA ARG B 86 -13.69 -52.45 -25.51
C ARG B 86 -14.84 -52.78 -24.57
N ILE B 87 -14.83 -52.21 -23.36
CA ILE B 87 -15.95 -52.39 -22.44
C ILE B 87 -16.79 -51.10 -22.36
N ASP B 88 -18.10 -51.21 -22.58
CA ASP B 88 -18.98 -50.05 -22.54
C ASP B 88 -19.98 -50.20 -21.42
N VAL B 89 -20.04 -49.23 -20.53
CA VAL B 89 -21.09 -49.18 -19.53
C VAL B 89 -22.18 -48.15 -19.88
N THR B 90 -23.40 -48.44 -19.44
CA THR B 90 -24.56 -47.60 -19.73
C THR B 90 -25.51 -47.50 -18.54
N ILE B 91 -25.81 -46.28 -18.10
CA ILE B 91 -26.84 -46.10 -17.11
C ILE B 91 -28.07 -45.81 -17.91
N ASN B 92 -29.17 -46.49 -17.62
CA ASN B 92 -30.36 -46.36 -18.45
C ASN B 92 -31.40 -45.41 -17.89
N LYS B 93 -32.42 -45.09 -18.68
CA LYS B 93 -33.52 -44.27 -18.19
C LYS B 93 -34.23 -45.04 -17.09
N ASP B 94 -34.29 -46.36 -17.27
CA ASP B 94 -34.91 -47.26 -16.30
C ASP B 94 -34.36 -47.07 -14.89
N GLY B 95 -33.04 -46.96 -14.82
CA GLY B 95 -32.32 -46.90 -13.56
C GLY B 95 -31.30 -48.02 -13.58
N SER B 96 -31.61 -49.03 -14.39
CA SER B 96 -30.77 -50.20 -14.60
C SER B 96 -29.42 -49.82 -15.16
N LEU B 97 -28.48 -50.76 -15.06
CA LEU B 97 -27.10 -50.59 -15.50
C LEU B 97 -26.71 -51.69 -16.44
N THR B 98 -26.07 -51.35 -17.53
CA THR B 98 -25.67 -52.37 -18.49
C THR B 98 -24.23 -52.29 -18.95
N VAL B 99 -23.46 -53.33 -18.63
CA VAL B 99 -22.09 -53.48 -19.10
C VAL B 99 -22.04 -54.45 -20.27
N GLN B 100 -21.38 -54.04 -21.36
CA GLN B 100 -21.21 -54.96 -22.47
C GLN B 100 -19.79 -54.89 -22.99
N ASP B 101 -19.34 -55.97 -23.63
CA ASP B 101 -17.97 -56.04 -24.16
C ASP B 101 -17.89 -56.53 -25.62
N HIS B 102 -16.90 -55.92 -26.30
CA HIS B 102 -16.56 -56.05 -27.72
C HIS B 102 -16.88 -57.41 -28.33
N THR B 117 -16.49 -70.54 -22.31
CA THR B 117 -17.60 -69.66 -22.65
C THR B 117 -17.45 -68.30 -21.99
N VAL B 118 -17.07 -67.29 -22.78
CA VAL B 118 -16.85 -65.92 -22.31
C VAL B 118 -18.00 -65.48 -21.41
N GLU B 119 -19.21 -65.99 -21.70
CA GLU B 119 -20.42 -65.53 -21.00
C GLU B 119 -20.40 -65.73 -19.50
N VAL B 120 -20.31 -66.97 -19.03
CA VAL B 120 -20.40 -67.13 -17.59
C VAL B 120 -19.10 -66.85 -16.88
N ILE B 121 -17.98 -67.01 -17.57
CA ILE B 121 -16.72 -66.54 -16.98
C ILE B 121 -16.84 -65.04 -16.78
N PHE B 122 -17.66 -64.39 -17.63
CA PHE B 122 -18.02 -62.98 -17.49
C PHE B 122 -18.96 -62.78 -16.30
N THR B 123 -20.18 -63.30 -16.31
CA THR B 123 -21.06 -62.97 -15.17
C THR B 123 -20.60 -63.46 -13.77
N ILE B 124 -19.44 -64.11 -13.66
CA ILE B 124 -18.92 -64.39 -12.31
C ILE B 124 -18.26 -63.13 -11.73
N LEU B 125 -18.63 -62.76 -10.51
CA LEU B 125 -17.99 -61.61 -9.87
C LEU B 125 -17.78 -61.79 -8.36
N HIS B 126 -17.42 -60.69 -7.70
CA HIS B 126 -16.46 -60.69 -6.60
C HIS B 126 -15.19 -61.09 -7.37
N ALA B 127 -14.45 -60.08 -7.84
CA ALA B 127 -13.50 -60.28 -8.95
C ALA B 127 -12.20 -59.49 -8.81
N GLY B 128 -11.88 -59.08 -7.58
CA GLY B 128 -10.72 -58.23 -7.34
C GLY B 128 -9.38 -58.70 -7.89
N GLY B 129 -9.30 -58.84 -9.20
CA GLY B 129 -8.03 -59.18 -9.80
C GLY B 129 -7.87 -58.59 -11.16
N LYS B 130 -6.71 -58.84 -11.76
CA LYS B 130 -6.46 -58.50 -13.16
C LYS B 130 -5.27 -59.26 -13.73
N PHE B 131 -4.20 -58.54 -14.06
CA PHE B 131 -2.98 -59.15 -14.61
C PHE B 131 -3.21 -59.87 -15.95
N LEU B 142 -25.37 -69.93 -19.50
CA LEU B 142 -26.17 -70.91 -18.76
C LEU B 142 -25.37 -71.74 -17.71
N HIS B 143 -24.21 -72.27 -18.12
CA HIS B 143 -23.43 -73.26 -17.34
C HIS B 143 -23.33 -73.00 -15.83
N GLY B 144 -22.59 -71.96 -15.45
CA GLY B 144 -22.46 -71.57 -14.05
C GLY B 144 -23.72 -70.98 -13.46
N VAL B 145 -23.74 -69.64 -13.35
CA VAL B 145 -24.86 -68.85 -12.79
C VAL B 145 -25.26 -69.23 -11.36
N GLY B 146 -24.54 -70.21 -10.81
CA GLY B 146 -24.60 -70.53 -9.40
C GLY B 146 -23.69 -69.52 -8.72
N SER B 147 -24.32 -68.57 -8.04
CA SER B 147 -23.62 -67.46 -7.38
C SER B 147 -22.90 -66.53 -8.36
N SER B 148 -23.69 -65.83 -9.15
CA SER B 148 -23.24 -64.60 -9.76
C SER B 148 -23.74 -63.58 -8.75
N VAL B 149 -22.84 -62.93 -8.04
CA VAL B 149 -23.25 -62.08 -6.92
C VAL B 149 -24.16 -60.91 -7.35
N VAL B 150 -24.17 -60.59 -8.64
CA VAL B 150 -25.16 -59.65 -9.14
C VAL B 150 -26.53 -60.29 -9.33
N ASN B 151 -26.54 -61.43 -10.02
CA ASN B 151 -27.76 -62.15 -10.31
C ASN B 151 -28.57 -62.33 -9.04
N ALA B 152 -27.84 -62.63 -7.96
CA ALA B 152 -28.42 -62.78 -6.63
C ALA B 152 -28.97 -61.47 -6.10
N LEU B 153 -28.32 -60.37 -6.47
CA LEU B 153 -28.66 -59.06 -5.91
C LEU B 153 -29.40 -58.13 -6.89
N SER B 154 -30.13 -58.71 -7.84
CA SER B 154 -30.77 -57.90 -8.87
C SER B 154 -32.26 -58.17 -8.97
N SER B 155 -33.05 -57.12 -9.18
CA SER B 155 -34.49 -57.25 -9.44
C SER B 155 -34.66 -58.20 -10.59
N TRP B 156 -34.41 -57.71 -11.80
CA TRP B 156 -34.25 -58.60 -12.94
C TRP B 156 -32.83 -58.45 -13.45
N LEU B 157 -32.40 -59.44 -14.21
CA LEU B 157 -31.15 -59.33 -14.94
C LEU B 157 -31.32 -60.00 -16.27
N GLU B 158 -31.11 -59.24 -17.33
CA GLU B 158 -31.19 -59.75 -18.68
C GLU B 158 -29.76 -59.90 -19.12
N VAL B 159 -29.48 -61.01 -19.81
CA VAL B 159 -28.16 -61.31 -20.33
C VAL B 159 -28.27 -61.75 -21.80
N GLU B 160 -27.25 -61.40 -22.59
CA GLU B 160 -27.29 -61.66 -24.03
C GLU B 160 -25.89 -61.87 -24.61
N ILE B 161 -25.74 -62.94 -25.42
CA ILE B 161 -24.48 -63.24 -26.10
C ILE B 161 -24.66 -63.31 -27.60
N THR B 162 -23.78 -62.64 -28.33
CA THR B 162 -23.72 -62.79 -29.77
C THR B 162 -22.47 -63.61 -30.12
N ARG B 163 -22.66 -64.81 -30.64
CA ARG B 163 -21.54 -65.71 -30.90
C ARG B 163 -21.83 -66.72 -32.02
N ASP B 164 -20.81 -66.94 -32.85
CA ASP B 164 -20.84 -67.92 -33.96
C ASP B 164 -21.72 -67.53 -35.17
N GLY B 165 -22.75 -66.72 -34.96
CA GLY B 165 -23.65 -66.35 -36.04
C GLY B 165 -25.09 -66.29 -35.59
N ALA B 166 -25.30 -66.33 -34.28
CA ALA B 166 -26.62 -66.19 -33.67
C ALA B 166 -26.55 -65.25 -32.47
N VAL B 167 -27.70 -64.92 -31.90
CA VAL B 167 -27.70 -64.16 -30.66
C VAL B 167 -28.70 -64.75 -29.66
N TYR B 168 -28.23 -64.94 -28.43
CA TYR B 168 -29.00 -65.61 -27.40
C TYR B 168 -29.29 -64.65 -26.28
N LYS B 169 -30.48 -64.75 -25.71
CA LYS B 169 -30.85 -63.90 -24.59
C LYS B 169 -31.48 -64.79 -23.53
N GLN B 170 -31.42 -64.33 -22.29
CA GLN B 170 -32.08 -64.99 -21.18
C GLN B 170 -32.17 -64.02 -20.02
N ARG B 171 -33.28 -64.01 -19.29
CA ARG B 171 -33.38 -63.13 -18.13
C ARG B 171 -33.87 -63.86 -16.90
N PHE B 172 -33.63 -63.24 -15.75
CA PHE B 172 -33.99 -63.81 -14.47
C PHE B 172 -34.62 -62.72 -13.63
N GLU B 173 -35.37 -63.12 -12.59
CA GLU B 173 -35.93 -62.17 -11.64
C GLU B 173 -35.44 -62.44 -10.19
N ASN B 174 -35.25 -61.38 -9.43
CA ASN B 174 -34.83 -61.40 -8.02
C ASN B 174 -33.65 -62.32 -7.61
N GLY B 175 -33.97 -63.54 -7.21
CA GLY B 175 -32.93 -64.45 -6.76
C GLY B 175 -32.03 -64.84 -7.91
N GLY B 176 -32.52 -64.66 -9.13
CA GLY B 176 -31.83 -65.18 -10.29
C GLY B 176 -32.54 -66.44 -10.72
N LYS B 177 -33.83 -66.51 -10.44
CA LYS B 177 -34.68 -67.58 -10.93
C LYS B 177 -35.06 -67.24 -12.37
N PRO B 178 -34.62 -68.08 -13.33
CA PRO B 178 -34.79 -67.89 -14.76
C PRO B 178 -36.24 -67.73 -15.25
N VAL B 179 -36.56 -66.53 -15.70
CA VAL B 179 -37.86 -66.25 -16.27
C VAL B 179 -38.07 -66.98 -17.59
N THR B 180 -36.99 -67.16 -18.35
CA THR B 180 -37.03 -67.96 -19.57
C THR B 180 -35.73 -68.74 -19.77
N THR B 181 -35.72 -69.66 -20.73
CA THR B 181 -34.49 -70.35 -21.11
C THR B 181 -33.69 -69.54 -22.11
N LEU B 182 -32.40 -69.79 -22.19
CA LEU B 182 -31.55 -69.09 -23.14
C LEU B 182 -31.90 -69.50 -24.56
N LYS B 183 -32.48 -68.59 -25.31
CA LYS B 183 -32.96 -68.87 -26.67
C LYS B 183 -32.27 -67.98 -27.70
N LYS B 184 -32.25 -68.44 -28.94
CA LYS B 184 -31.73 -67.64 -30.05
C LYS B 184 -32.78 -66.58 -30.38
N ILE B 185 -32.48 -65.32 -30.08
CA ILE B 185 -33.43 -64.25 -30.38
C ILE B 185 -33.13 -63.55 -31.70
N GLY B 186 -32.22 -64.11 -32.49
CA GLY B 186 -31.94 -63.54 -33.80
C GLY B 186 -30.65 -63.93 -34.49
N THR B 187 -30.51 -63.40 -35.70
CA THR B 187 -29.35 -63.62 -36.57
C THR B 187 -28.22 -62.64 -36.29
N ALA B 188 -27.03 -63.18 -36.08
CA ALA B 188 -25.86 -62.37 -35.76
C ALA B 188 -24.94 -62.22 -36.96
N PRO B 189 -24.41 -61.00 -37.16
CA PRO B 189 -23.51 -60.66 -38.28
C PRO B 189 -22.24 -61.52 -38.28
N LYS B 190 -22.29 -62.66 -38.95
CA LYS B 190 -21.16 -63.57 -39.06
C LYS B 190 -20.69 -64.10 -37.71
N SER B 191 -19.42 -64.47 -37.62
CA SER B 191 -18.88 -65.08 -36.42
C SER B 191 -18.60 -64.07 -35.29
N LYS B 192 -18.84 -62.79 -35.57
CA LYS B 192 -18.61 -61.70 -34.61
C LYS B 192 -19.20 -61.95 -33.21
N THR B 193 -18.35 -61.83 -32.19
CA THR B 193 -18.73 -62.12 -30.81
C THR B 193 -18.90 -60.88 -29.93
N GLY B 194 -19.70 -61.00 -28.86
CA GLY B 194 -19.89 -59.94 -27.89
C GLY B 194 -20.78 -60.34 -26.73
N THR B 195 -20.47 -59.85 -25.52
CA THR B 195 -21.27 -60.24 -24.35
C THR B 195 -21.93 -59.02 -23.70
N LYS B 196 -23.16 -59.15 -23.20
CA LYS B 196 -23.82 -58.01 -22.56
C LYS B 196 -24.71 -58.41 -21.37
N VAL B 197 -24.51 -57.72 -20.24
CA VAL B 197 -25.33 -57.88 -19.04
C VAL B 197 -26.02 -56.55 -18.64
N THR B 198 -27.34 -56.58 -18.54
CA THR B 198 -28.04 -55.42 -18.01
C THR B 198 -28.85 -55.87 -16.79
N PHE B 199 -28.84 -55.08 -15.72
CA PHE B 199 -29.53 -55.46 -14.49
C PHE B 199 -30.01 -54.29 -13.66
N MET B 200 -31.04 -54.53 -12.87
CA MET B 200 -31.54 -53.55 -11.92
C MET B 200 -31.42 -54.19 -10.55
N PRO B 201 -30.58 -53.60 -9.68
CA PRO B 201 -30.44 -54.05 -8.30
C PRO B 201 -31.80 -53.96 -7.62
N ASP B 202 -32.13 -54.88 -6.71
CA ASP B 202 -33.43 -54.73 -6.06
C ASP B 202 -33.37 -53.77 -4.87
N ALA B 203 -34.39 -52.93 -4.77
CA ALA B 203 -34.45 -51.89 -3.75
C ALA B 203 -34.80 -52.48 -2.38
N THR B 204 -34.72 -53.81 -2.29
CA THR B 204 -34.93 -54.50 -1.04
C THR B 204 -33.61 -54.54 -0.30
N ILE B 205 -32.68 -55.32 -0.86
CA ILE B 205 -31.38 -55.54 -0.24
C ILE B 205 -30.48 -54.32 -0.44
N PHE B 206 -30.90 -53.42 -1.31
CA PHE B 206 -30.19 -52.16 -1.50
C PHE B 206 -31.06 -50.98 -1.11
N SER B 207 -30.48 -50.02 -0.39
CA SER B 207 -31.19 -48.81 0.02
C SER B 207 -31.16 -47.69 -1.02
N THR B 208 -30.19 -47.76 -1.93
CA THR B 208 -30.03 -46.77 -3.00
C THR B 208 -29.88 -47.45 -4.34
N THR B 209 -30.75 -47.12 -5.29
CA THR B 209 -30.70 -47.73 -6.62
C THR B 209 -30.23 -46.72 -7.66
N ASP B 210 -29.70 -45.58 -7.21
CA ASP B 210 -29.34 -44.48 -8.12
C ASP B 210 -27.86 -44.45 -8.43
N PHE B 211 -27.47 -45.11 -9.52
CA PHE B 211 -26.07 -45.14 -9.94
C PHE B 211 -25.63 -43.72 -10.24
N LYS B 212 -24.54 -43.29 -9.60
CA LYS B 212 -23.97 -41.99 -9.88
C LYS B 212 -22.94 -42.07 -11.02
N TYR B 213 -23.07 -41.18 -12.00
CA TYR B 213 -22.20 -41.15 -13.16
C TYR B 213 -20.83 -40.56 -12.82
N ASN B 214 -20.81 -39.63 -11.86
CA ASN B 214 -19.55 -39.05 -11.42
C ASN B 214 -18.60 -40.12 -10.86
N THR B 215 -19.13 -40.93 -9.94
CA THR B 215 -18.38 -41.99 -9.30
C THR B 215 -17.90 -43.08 -10.27
N ILE B 216 -18.84 -43.60 -11.06
CA ILE B 216 -18.53 -44.61 -12.08
C ILE B 216 -17.46 -44.06 -13.02
N SER B 217 -17.57 -42.78 -13.31
CA SER B 217 -16.57 -42.13 -14.14
C SER B 217 -15.19 -42.22 -13.53
N GLU B 218 -15.04 -41.75 -12.29
CA GLU B 218 -13.71 -41.74 -11.67
C GLU B 218 -13.11 -43.14 -11.64
N ARG B 219 -13.96 -44.12 -11.35
CA ARG B 219 -13.51 -45.52 -11.38
C ARG B 219 -12.95 -45.85 -12.75
N LEU B 220 -13.84 -45.98 -13.75
CA LEU B 220 -13.45 -46.36 -15.11
C LEU B 220 -12.21 -45.62 -15.60
N ASN B 221 -12.15 -44.35 -15.22
CA ASN B 221 -11.03 -43.50 -15.58
C ASN B 221 -9.77 -44.08 -15.01
N GLU B 222 -9.63 -44.00 -13.69
CA GLU B 222 -8.38 -44.42 -13.08
C GLU B 222 -8.03 -45.89 -13.39
N SER B 223 -9.06 -46.68 -13.70
CA SER B 223 -8.90 -48.07 -14.16
C SER B 223 -8.15 -48.12 -15.48
N ALA B 224 -8.56 -47.29 -16.42
CA ALA B 224 -7.99 -47.34 -17.78
C ALA B 224 -6.51 -46.99 -17.93
N PHE B 225 -5.86 -46.45 -16.92
CA PHE B 225 -4.47 -46.04 -17.11
C PHE B 225 -3.57 -47.23 -17.29
N LEU B 226 -3.65 -48.16 -16.35
CA LEU B 226 -2.78 -49.33 -16.35
C LEU B 226 -3.27 -50.35 -17.37
N LEU B 227 -4.49 -50.19 -17.86
CA LEU B 227 -5.05 -51.14 -18.81
C LEU B 227 -4.76 -50.80 -20.26
N LYS B 228 -3.48 -50.83 -20.65
CA LYS B 228 -3.04 -50.40 -21.99
C LYS B 228 -3.77 -51.11 -23.15
N ASN B 229 -4.15 -52.35 -22.90
CA ASN B 229 -4.85 -53.18 -23.88
C ASN B 229 -6.31 -52.78 -24.14
N VAL B 230 -6.91 -52.06 -23.19
CA VAL B 230 -8.36 -51.84 -23.18
C VAL B 230 -8.78 -50.38 -23.36
N THR B 231 -10.00 -50.21 -23.86
CA THR B 231 -10.67 -48.91 -23.88
C THR B 231 -12.08 -49.08 -23.33
N LEU B 232 -12.45 -48.22 -22.39
CA LEU B 232 -13.77 -48.31 -21.80
C LEU B 232 -14.56 -46.99 -21.75
N SER B 233 -15.88 -47.10 -21.93
CA SER B 233 -16.77 -45.93 -22.03
C SER B 233 -17.88 -45.94 -20.99
N LEU B 234 -18.50 -44.78 -20.82
CA LEU B 234 -19.56 -44.63 -19.85
C LEU B 234 -20.55 -43.69 -20.48
N THR B 235 -21.78 -44.16 -20.67
CA THR B 235 -22.85 -43.26 -21.13
C THR B 235 -24.02 -43.23 -20.15
N ASP B 236 -24.39 -42.03 -19.72
CA ASP B 236 -25.55 -41.83 -18.87
C ASP B 236 -26.71 -41.36 -19.72
N LYS B 237 -27.72 -42.22 -19.87
CA LYS B 237 -28.87 -41.93 -20.71
C LYS B 237 -29.89 -41.03 -20.02
N ARG B 238 -29.75 -40.91 -18.69
CA ARG B 238 -30.55 -39.97 -17.89
C ARG B 238 -30.09 -38.53 -18.16
N THR B 239 -28.83 -38.25 -17.86
CA THR B 239 -28.26 -36.93 -18.09
C THR B 239 -27.79 -36.73 -19.54
N ASP B 240 -27.98 -37.74 -20.38
CA ASP B 240 -27.55 -37.70 -21.78
C ASP B 240 -26.08 -37.31 -21.96
N GLU B 241 -25.23 -37.70 -21.01
CA GLU B 241 -23.80 -37.38 -21.13
C GLU B 241 -22.88 -38.63 -21.25
N ALA B 242 -21.61 -38.42 -21.60
CA ALA B 242 -20.75 -39.56 -21.94
C ALA B 242 -19.25 -39.26 -21.88
N ILE B 243 -18.46 -40.23 -21.42
CA ILE B 243 -17.02 -40.24 -21.72
C ILE B 243 -16.60 -41.59 -22.28
N GLU B 244 -15.32 -41.65 -22.64
CA GLU B 244 -14.63 -42.85 -23.13
C GLU B 244 -13.18 -42.71 -22.61
N PHE B 245 -12.51 -43.82 -22.33
CA PHE B 245 -11.14 -43.76 -21.76
C PHE B 245 -10.13 -44.67 -22.44
N HIS B 246 -8.92 -44.15 -22.65
CA HIS B 246 -7.84 -44.91 -23.29
C HIS B 246 -6.48 -44.26 -23.02
N TYR B 247 -5.45 -45.08 -22.76
CA TYR B 247 -4.15 -44.50 -22.43
C TYR B 247 -2.98 -45.30 -22.97
N GLU B 248 -2.27 -44.69 -23.92
CA GLU B 248 -1.14 -45.34 -24.58
C GLU B 248 0.14 -45.31 -23.75
N VAL B 251 1.95 -44.27 -17.46
CA VAL B 251 2.28 -43.89 -16.08
C VAL B 251 2.74 -42.44 -16.04
N GLN B 252 3.17 -41.93 -17.18
CA GLN B 252 3.64 -40.56 -17.26
C GLN B 252 2.44 -39.64 -17.35
N ASP B 253 1.43 -40.07 -18.11
CA ASP B 253 0.20 -39.32 -18.21
C ASP B 253 -0.43 -39.20 -16.82
N PHE B 254 -0.54 -40.32 -16.13
CA PHE B 254 -1.11 -40.37 -14.76
C PHE B 254 -0.57 -39.28 -13.84
N VAL B 255 0.68 -38.85 -13.99
CA VAL B 255 1.22 -37.84 -13.08
C VAL B 255 0.74 -36.49 -13.52
N SER B 256 0.48 -36.36 -14.81
CA SER B 256 -0.17 -35.16 -15.29
C SER B 256 -1.57 -35.14 -14.71
N TYR B 257 -2.36 -36.17 -15.01
CA TYR B 257 -3.72 -36.27 -14.49
C TYR B 257 -3.82 -36.00 -12.99
N LEU B 258 -2.71 -36.21 -12.31
CA LEU B 258 -2.68 -36.05 -10.87
C LEU B 258 -2.36 -34.62 -10.49
N ASN B 259 -1.72 -33.90 -11.41
CA ASN B 259 -1.23 -32.55 -11.15
C ASN B 259 -1.86 -31.53 -12.09
N GLU B 260 -3.04 -31.86 -12.59
CA GLU B 260 -3.73 -31.05 -13.59
C GLU B 260 -3.90 -29.58 -13.20
N ASP B 261 -4.61 -29.32 -12.12
CA ASP B 261 -4.88 -27.93 -11.75
C ASP B 261 -3.91 -27.44 -10.67
N LYS B 262 -2.70 -27.99 -10.66
CA LYS B 262 -1.70 -27.58 -9.68
C LYS B 262 -0.52 -26.87 -10.32
N GLU B 263 0.28 -26.18 -9.52
CA GLU B 263 1.49 -25.52 -10.04
C GLU B 263 2.76 -26.39 -9.86
N ILE B 264 3.71 -26.21 -10.77
CA ILE B 264 4.70 -27.23 -11.10
C ILE B 264 6.16 -26.84 -10.85
N LEU B 265 6.77 -27.39 -9.79
CA LEU B 265 8.17 -27.11 -9.44
C LEU B 265 9.23 -27.73 -10.39
N THR B 266 8.97 -28.95 -10.85
CA THR B 266 9.88 -29.69 -11.72
C THR B 266 9.03 -30.31 -12.81
N PRO B 267 9.63 -30.66 -13.96
CA PRO B 267 8.83 -31.34 -14.99
C PRO B 267 8.59 -32.79 -14.61
N VAL B 268 8.11 -33.61 -15.54
CA VAL B 268 7.85 -35.01 -15.23
C VAL B 268 9.10 -35.89 -15.38
N LEU B 269 9.50 -36.52 -14.27
CA LEU B 269 10.66 -37.40 -14.24
C LEU B 269 10.19 -38.84 -14.36
N TYR B 270 10.70 -39.56 -15.34
CA TYR B 270 10.26 -40.92 -15.61
C TYR B 270 11.43 -41.91 -15.63
N PHE B 271 11.31 -42.98 -14.84
CA PHE B 271 12.39 -43.97 -14.70
C PHE B 271 11.97 -45.42 -14.98
N GLU B 272 12.47 -45.99 -16.06
CA GLU B 272 12.14 -47.37 -16.49
C GLU B 272 13.25 -48.38 -16.10
N GLY B 273 12.91 -49.67 -16.08
CA GLY B 273 13.89 -50.67 -15.70
C GLY B 273 13.39 -52.06 -15.33
N GLU B 274 14.05 -53.07 -15.90
CA GLU B 274 13.89 -54.48 -15.51
C GLU B 274 15.05 -54.84 -14.58
N ASP B 275 14.82 -55.71 -13.60
CA ASP B 275 15.90 -56.18 -12.73
C ASP B 275 15.54 -57.47 -11.99
N ASN B 276 16.04 -58.58 -12.53
CA ASN B 276 15.69 -59.93 -12.08
C ASN B 276 14.19 -60.21 -11.84
N GLY B 277 13.47 -60.32 -12.95
CA GLY B 277 12.09 -60.77 -12.94
C GLY B 277 11.10 -59.65 -12.80
N PHE B 278 11.54 -58.61 -12.11
CA PHE B 278 10.68 -57.50 -11.74
C PHE B 278 10.78 -56.38 -12.78
N GLN B 279 9.64 -55.77 -13.08
CA GLN B 279 9.58 -54.67 -14.04
C GLN B 279 8.98 -53.42 -13.38
N VAL B 280 9.85 -52.48 -12.97
CA VAL B 280 9.39 -51.25 -12.32
C VAL B 280 9.44 -50.05 -13.26
N GLU B 281 8.48 -49.15 -13.09
CA GLU B 281 8.26 -48.06 -14.02
C GLU B 281 7.64 -46.91 -13.22
N VAL B 282 8.40 -45.84 -13.02
CA VAL B 282 7.96 -44.73 -12.17
C VAL B 282 8.05 -43.39 -12.85
N ALA B 283 7.05 -42.55 -12.64
CA ALA B 283 7.16 -41.12 -12.94
C ALA B 283 7.02 -40.26 -11.67
N LEU B 284 7.82 -39.21 -11.57
CA LEU B 284 7.77 -38.34 -10.39
C LEU B 284 7.62 -36.85 -10.83
N GLN B 285 6.78 -36.07 -10.14
CA GLN B 285 6.62 -34.62 -10.43
C GLN B 285 6.13 -33.74 -9.27
N TYR B 286 7.03 -32.89 -8.76
CA TYR B 286 6.73 -32.06 -7.60
C TYR B 286 5.74 -30.94 -7.86
N ASN B 287 4.99 -30.55 -6.83
CA ASN B 287 4.22 -29.31 -6.87
C ASN B 287 4.45 -28.36 -5.66
N ASP B 288 3.81 -27.19 -5.72
CA ASP B 288 3.95 -26.24 -4.63
C ASP B 288 3.09 -26.65 -3.44
N GLY B 289 2.43 -27.79 -3.58
CA GLY B 289 1.57 -28.31 -2.54
C GLY B 289 2.37 -28.73 -1.32
N PHE B 290 1.66 -29.31 -0.35
CA PHE B 290 2.26 -29.74 0.90
C PHE B 290 2.12 -31.26 1.04
N SER B 291 0.88 -31.73 0.97
CA SER B 291 0.61 -33.15 1.02
C SER B 291 1.26 -33.83 -0.17
N ASP B 292 2.02 -34.90 0.09
CA ASP B 292 2.55 -35.72 -0.98
C ASP B 292 1.44 -36.63 -1.48
N ASN B 293 1.63 -37.17 -2.67
CA ASN B 293 0.57 -37.95 -3.29
C ASN B 293 1.12 -39.07 -4.17
N ILE B 294 1.36 -40.22 -3.55
CA ILE B 294 2.03 -41.32 -4.23
C ILE B 294 1.14 -42.54 -4.44
N LEU B 295 0.85 -42.83 -5.71
CA LEU B 295 0.09 -44.01 -6.05
C LEU B 295 1.04 -45.13 -6.45
N SER B 296 0.67 -46.37 -6.15
CA SER B 296 1.51 -47.54 -6.45
C SER B 296 0.70 -48.63 -7.13
N PHE B 297 1.32 -49.32 -8.08
CA PHE B 297 0.62 -50.39 -8.78
C PHE B 297 1.45 -51.65 -9.01
N VAL B 298 1.02 -52.78 -8.44
CA VAL B 298 1.61 -54.05 -8.82
C VAL B 298 0.65 -54.89 -9.65
N ASN B 299 1.11 -55.22 -10.85
CA ASN B 299 0.39 -56.09 -11.78
C ASN B 299 -0.93 -55.49 -12.20
N ASN B 300 -0.85 -54.23 -12.64
CA ASN B 300 -1.99 -53.43 -13.07
C ASN B 300 -3.07 -53.05 -12.06
N VAL B 301 -3.04 -53.58 -10.82
CA VAL B 301 -3.98 -53.10 -9.79
C VAL B 301 -3.36 -52.29 -8.65
N ARG B 302 -4.18 -51.54 -7.93
CA ARG B 302 -3.64 -50.57 -6.98
C ARG B 302 -3.31 -51.22 -5.65
N THR B 303 -2.16 -50.87 -5.10
CA THR B 303 -1.90 -51.15 -3.69
C THR B 303 -2.25 -49.96 -2.80
N LYS B 304 -3.55 -49.72 -2.58
CA LYS B 304 -4.03 -48.57 -1.78
C LYS B 304 -3.26 -48.40 -0.48
N ASP B 305 -2.74 -49.50 0.06
CA ASP B 305 -2.04 -49.49 1.36
C ASP B 305 -0.52 -49.49 1.25
N GLY B 306 0.00 -49.21 0.06
CA GLY B 306 1.44 -49.11 -0.13
C GLY B 306 2.10 -50.47 -0.30
N GLY B 307 3.17 -50.68 0.44
CA GLY B 307 3.89 -51.94 0.34
C GLY B 307 5.38 -51.76 0.19
N THR B 308 6.07 -52.89 0.06
CA THR B 308 7.52 -52.92 0.00
C THR B 308 8.08 -52.17 -1.22
N HIS B 309 7.40 -52.26 -2.35
CA HIS B 309 7.79 -51.50 -3.54
C HIS B 309 7.75 -49.99 -3.29
N GLU B 310 6.75 -49.55 -2.54
CA GLU B 310 6.63 -48.15 -2.18
C GLU B 310 7.79 -47.79 -1.26
N THR B 311 8.02 -48.60 -0.21
CA THR B 311 9.13 -48.35 0.71
C THR B 311 10.46 -48.38 0.01
N GLY B 312 10.52 -49.07 -1.11
CA GLY B 312 11.74 -49.15 -1.89
C GLY B 312 11.94 -47.83 -2.58
N LEU B 313 10.82 -47.27 -3.06
CA LEU B 313 10.80 -45.98 -3.76
C LEU B 313 11.07 -44.77 -2.86
N LYS B 314 10.44 -44.77 -1.69
CA LYS B 314 10.67 -43.70 -0.72
C LYS B 314 12.12 -43.74 -0.21
N SER B 315 12.59 -44.93 0.18
CA SER B 315 13.95 -45.09 0.70
C SER B 315 15.02 -44.77 -0.34
N ALA B 316 14.65 -44.82 -1.62
CA ALA B 316 15.57 -44.54 -2.70
C ALA B 316 15.90 -43.05 -2.78
N ILE B 317 14.86 -42.22 -2.74
CA ILE B 317 15.04 -40.77 -2.86
C ILE B 317 15.67 -40.12 -1.62
N THR B 318 15.15 -40.41 -0.43
CA THR B 318 15.68 -39.80 0.78
C THR B 318 17.20 -40.01 0.94
N LYS B 319 17.70 -41.10 0.38
CA LYS B 319 19.12 -41.44 0.47
C LYS B 319 19.90 -41.11 -0.80
N VAL B 320 19.21 -40.98 -1.94
CA VAL B 320 19.90 -40.63 -3.19
C VAL B 320 20.15 -39.13 -3.28
N MET B 321 19.28 -38.34 -2.65
CA MET B 321 19.37 -36.88 -2.69
C MET B 321 20.25 -36.36 -1.57
N ASN B 322 20.18 -37.04 -0.42
CA ASN B 322 21.11 -36.80 0.66
C ASN B 322 22.53 -36.90 0.14
N ASP B 323 22.80 -37.94 -0.65
CA ASP B 323 24.08 -38.04 -1.33
C ASP B 323 24.28 -36.82 -2.21
N TYR B 324 23.27 -36.45 -2.99
CA TYR B 324 23.44 -35.31 -3.89
C TYR B 324 23.66 -34.00 -3.13
N ALA B 325 23.04 -33.89 -1.96
CA ALA B 325 23.34 -32.77 -1.07
C ALA B 325 24.80 -32.86 -0.65
N ARG B 326 25.09 -33.89 0.12
CA ARG B 326 26.42 -34.17 0.67
C ARG B 326 27.56 -33.77 -0.26
N LYS B 327 27.50 -34.24 -1.51
CA LYS B 327 28.52 -33.97 -2.50
C LYS B 327 28.60 -32.48 -2.83
N THR B 328 29.19 -32.16 -3.99
CA THR B 328 29.47 -30.76 -4.38
C THR B 328 28.35 -29.73 -4.09
N GLY B 329 27.25 -30.17 -3.48
CA GLY B 329 26.23 -29.29 -2.97
C GLY B 329 26.41 -28.93 -1.49
N LEU B 330 25.31 -28.95 -0.77
CA LEU B 330 25.22 -28.35 0.55
C LEU B 330 24.76 -29.34 1.62
N LEU B 331 25.55 -29.46 2.67
CA LEU B 331 25.24 -30.42 3.73
C LEU B 331 25.75 -29.90 5.05
N LYS B 332 26.77 -29.04 4.94
CA LYS B 332 27.48 -28.51 6.10
C LYS B 332 28.14 -29.61 6.93
N GLU B 333 28.19 -30.83 6.38
CA GLU B 333 28.68 -32.01 7.11
C GLU B 333 27.98 -32.09 8.47
N LYS B 334 28.65 -32.71 9.45
CA LYS B 334 28.19 -32.71 10.85
C LYS B 334 26.70 -33.01 11.08
N GLU B 339 17.45 -36.19 5.38
CA GLU B 339 16.36 -35.60 6.17
C GLU B 339 15.08 -36.47 6.33
N GLY B 340 14.54 -37.00 5.23
CA GLY B 340 13.37 -37.87 5.33
C GLY B 340 12.16 -37.52 4.45
N SER B 341 11.04 -37.21 5.09
CA SER B 341 9.78 -36.90 4.39
C SER B 341 9.76 -35.46 3.85
N ASP B 342 10.77 -34.71 4.23
CA ASP B 342 10.94 -33.35 3.75
C ASP B 342 11.16 -33.34 2.24
N TYR B 343 11.74 -34.42 1.71
CA TYR B 343 11.91 -34.57 0.28
C TYR B 343 10.60 -34.87 -0.42
N ARG B 344 9.60 -35.29 0.35
CA ARG B 344 8.34 -35.72 -0.26
C ARG B 344 7.26 -34.65 -0.26
N GLU B 345 7.55 -33.49 0.36
CA GLU B 345 6.62 -32.35 0.37
C GLU B 345 6.26 -31.94 -1.05
N GLY B 346 4.99 -32.06 -1.38
CA GLY B 346 4.47 -31.71 -2.70
C GLY B 346 4.89 -32.66 -3.80
N LEU B 347 5.59 -33.73 -3.43
CA LEU B 347 5.95 -34.76 -4.37
C LEU B 347 4.68 -35.54 -4.72
N ALA B 348 4.40 -35.66 -6.02
CA ALA B 348 3.40 -36.62 -6.48
C ALA B 348 4.07 -37.61 -7.41
N ALA B 349 3.66 -38.87 -7.34
CA ALA B 349 4.31 -39.95 -8.12
C ALA B 349 3.45 -41.18 -8.28
N VAL B 350 3.45 -41.73 -9.50
CA VAL B 350 2.77 -42.99 -9.80
C VAL B 350 3.78 -44.10 -10.10
N LEU B 351 3.83 -45.12 -9.24
CA LEU B 351 4.85 -46.17 -9.30
C LEU B 351 4.23 -47.53 -9.61
N SER B 352 4.72 -48.17 -10.66
CA SER B 352 4.10 -49.41 -11.13
C SER B 352 5.07 -50.56 -11.45
N ILE B 353 5.06 -51.60 -10.61
CA ILE B 353 5.87 -52.79 -10.86
C ILE B 353 5.10 -53.96 -11.45
N LEU B 354 5.84 -54.80 -12.18
CA LEU B 354 5.34 -56.10 -12.64
C LEU B 354 6.04 -57.22 -11.88
N VAL B 355 5.29 -57.93 -11.06
CA VAL B 355 5.80 -59.07 -10.30
C VAL B 355 5.40 -60.36 -11.04
N PRO B 356 6.31 -61.34 -11.08
CA PRO B 356 6.02 -62.59 -11.80
C PRO B 356 4.93 -63.48 -11.20
N GLU B 357 4.20 -63.03 -10.18
CA GLU B 357 3.02 -63.76 -9.65
C GLU B 357 3.32 -64.99 -8.77
N GLU B 358 4.45 -65.66 -9.04
CA GLU B 358 4.91 -66.75 -8.18
C GLU B 358 5.71 -66.17 -7.02
N HIS B 359 5.97 -64.86 -7.09
CA HIS B 359 6.66 -64.17 -6.02
C HIS B 359 5.72 -63.18 -5.37
N LEU B 360 4.47 -63.19 -5.84
CA LEU B 360 3.48 -62.22 -5.40
C LEU B 360 2.97 -62.59 -4.03
N GLN B 361 3.15 -61.69 -3.07
CA GLN B 361 2.61 -61.91 -1.73
C GLN B 361 2.21 -60.58 -1.06
N PHE B 362 1.00 -60.54 -0.53
CA PHE B 362 0.46 -59.34 0.11
C PHE B 362 0.29 -59.55 1.61
N GLU B 363 -0.41 -58.63 2.27
CA GLU B 363 -0.73 -58.83 3.68
C GLU B 363 -1.87 -59.80 3.89
N GLY B 364 -2.85 -59.38 4.67
CA GLY B 364 -3.91 -60.27 5.09
C GLY B 364 -5.22 -60.12 4.33
N GLN B 365 -5.79 -61.25 3.93
CA GLN B 365 -7.09 -61.29 3.26
C GLN B 365 -7.14 -60.57 1.92
N THR B 366 -6.78 -59.29 1.93
CA THR B 366 -6.95 -58.41 0.78
C THR B 366 -5.62 -58.08 0.13
N LYS B 367 -5.63 -57.89 -1.19
CA LYS B 367 -4.39 -57.63 -1.92
C LYS B 367 -4.07 -56.12 -1.96
N ASP B 368 -4.10 -55.50 -0.78
CA ASP B 368 -3.96 -54.06 -0.66
C ASP B 368 -2.56 -53.58 -0.33
N LYS B 369 -1.70 -54.47 0.16
CA LYS B 369 -0.37 -54.04 0.55
C LYS B 369 0.70 -55.08 0.20
N LEU B 370 1.57 -54.73 -0.73
CA LEU B 370 2.56 -55.68 -1.23
C LEU B 370 3.56 -56.04 -0.13
N GLY B 371 3.68 -57.32 0.15
CA GLY B 371 4.58 -57.76 1.21
C GLY B 371 5.85 -58.40 0.69
N SER B 372 5.87 -58.71 -0.61
CA SER B 372 6.97 -59.48 -1.19
C SER B 372 8.30 -58.75 -1.02
N PRO B 373 9.23 -59.37 -0.29
CA PRO B 373 10.43 -58.71 0.24
C PRO B 373 11.36 -58.19 -0.85
N LEU B 374 11.60 -59.00 -1.90
CA LEU B 374 12.50 -58.62 -3.00
C LEU B 374 12.09 -57.30 -3.70
N ALA B 375 10.84 -56.89 -3.56
CA ALA B 375 10.37 -55.69 -4.25
C ALA B 375 11.04 -54.42 -3.74
N ARG B 376 11.35 -54.38 -2.44
CA ARG B 376 12.04 -53.21 -1.86
C ARG B 376 13.44 -52.95 -2.45
N PRO B 377 14.32 -53.98 -2.47
CA PRO B 377 15.61 -53.68 -3.10
C PRO B 377 15.65 -53.73 -4.62
N VAL B 378 14.54 -53.98 -5.31
CA VAL B 378 14.58 -53.93 -6.78
C VAL B 378 14.08 -52.61 -7.27
N VAL B 379 13.14 -52.03 -6.54
CA VAL B 379 12.60 -50.70 -6.86
C VAL B 379 13.60 -49.67 -6.43
N ASP B 380 14.09 -49.81 -5.21
CA ASP B 380 15.22 -48.99 -4.74
C ASP B 380 16.41 -49.11 -5.69
N GLY B 381 16.60 -50.29 -6.27
CA GLY B 381 17.64 -50.44 -7.26
C GLY B 381 17.38 -49.52 -8.43
N ILE B 382 16.41 -49.90 -9.25
CA ILE B 382 16.07 -49.23 -10.49
C ILE B 382 15.95 -47.71 -10.36
N VAL B 383 15.34 -47.25 -9.28
CA VAL B 383 15.11 -45.81 -9.09
C VAL B 383 16.36 -45.09 -8.61
N ALA B 384 16.98 -45.58 -7.54
CA ALA B 384 18.14 -44.90 -6.98
C ALA B 384 19.24 -44.78 -8.02
N ASP B 385 19.26 -45.70 -8.97
CA ASP B 385 20.24 -45.64 -10.04
C ASP B 385 19.93 -44.46 -10.96
N LYS B 386 18.76 -44.50 -11.59
CA LYS B 386 18.43 -43.51 -12.62
C LYS B 386 18.47 -42.06 -12.13
N LEU B 387 18.09 -41.81 -10.89
CA LEU B 387 18.05 -40.42 -10.43
C LEU B 387 19.19 -39.99 -9.51
N THR B 388 20.28 -40.76 -9.50
CA THR B 388 21.54 -40.20 -9.05
C THR B 388 22.15 -39.60 -10.30
N PHE B 389 21.81 -40.21 -11.44
CA PHE B 389 22.21 -39.71 -12.75
C PHE B 389 21.48 -38.42 -13.05
N PHE B 390 20.15 -38.44 -12.90
CA PHE B 390 19.34 -37.28 -13.26
C PHE B 390 19.75 -36.02 -12.48
N LEU B 391 20.05 -36.21 -11.19
CA LEU B 391 20.39 -35.11 -10.32
C LEU B 391 21.73 -34.51 -10.73
N MET B 392 22.71 -35.38 -10.94
CA MET B 392 24.02 -34.92 -11.40
C MET B 392 23.89 -34.27 -12.80
N GLU B 393 22.89 -34.69 -13.55
CA GLU B 393 22.74 -34.30 -14.95
C GLU B 393 22.38 -32.83 -15.14
N ASN B 394 21.69 -32.25 -14.17
CA ASN B 394 21.34 -30.84 -14.23
C ASN B 394 21.14 -30.19 -12.85
N GLY B 395 22.09 -29.32 -12.48
CA GLY B 395 22.09 -28.67 -11.19
C GLY B 395 20.98 -27.66 -11.00
N GLU B 396 20.24 -27.42 -12.07
CA GLU B 396 19.01 -26.63 -11.99
C GLU B 396 18.03 -27.32 -11.04
N LEU B 397 17.14 -28.13 -11.59
CA LEU B 397 16.08 -28.75 -10.79
C LEU B 397 16.62 -29.58 -9.63
N ALA B 398 17.94 -29.54 -9.42
CA ALA B 398 18.62 -30.42 -8.46
C ALA B 398 18.94 -29.76 -7.12
N SER B 399 19.97 -28.91 -7.11
CA SER B 399 20.38 -28.23 -5.89
C SER B 399 19.24 -27.35 -5.37
N ASN B 400 18.46 -26.79 -6.29
CA ASN B 400 17.29 -26.01 -5.92
C ASN B 400 16.28 -26.88 -5.19
N LEU B 401 16.12 -28.10 -5.67
CA LEU B 401 15.20 -29.06 -5.07
C LEU B 401 15.66 -29.45 -3.66
N ILE B 402 16.97 -29.53 -3.46
CA ILE B 402 17.50 -29.88 -2.15
C ILE B 402 17.24 -28.78 -1.13
N ARG B 403 17.55 -27.56 -1.54
CA ARG B 403 17.33 -26.37 -0.71
C ARG B 403 15.92 -26.43 -0.17
N LYS B 404 14.97 -26.70 -1.06
CA LYS B 404 13.56 -26.86 -0.72
C LYS B 404 13.34 -27.84 0.41
N ALA B 405 14.13 -28.91 0.41
CA ALA B 405 14.01 -29.94 1.46
C ALA B 405 14.41 -29.37 2.81
N ILE B 406 15.43 -28.52 2.82
CA ILE B 406 15.92 -27.92 4.05
C ILE B 406 14.97 -26.83 4.57
N LYS B 407 14.27 -26.16 3.66
CA LYS B 407 13.24 -25.21 4.06
C LYS B 407 12.08 -26.02 4.65
N ALA B 408 11.89 -27.22 4.10
CA ALA B 408 10.90 -28.13 4.63
C ALA B 408 11.39 -28.68 5.97
N ARG B 409 12.70 -28.96 6.03
CA ARG B 409 13.34 -29.47 7.24
C ARG B 409 13.32 -28.42 8.35
N ASP B 410 13.39 -27.15 7.93
CA ASP B 410 13.47 -26.03 8.86
C ASP B 410 12.19 -25.87 9.70
N ALA B 411 11.08 -25.57 9.04
CA ALA B 411 9.83 -25.33 9.76
C ALA B 411 9.30 -26.60 10.42
N ARG B 412 9.53 -27.75 9.78
CA ARG B 412 9.08 -29.04 10.33
C ARG B 412 9.57 -29.20 11.76
N GLU B 413 10.88 -29.14 11.96
CA GLU B 413 11.45 -29.24 13.30
C GLU B 413 11.04 -28.03 14.13
N ALA B 414 10.63 -26.95 13.47
CA ALA B 414 10.16 -25.75 14.14
C ALA B 414 8.67 -25.84 14.47
N ALA B 415 8.06 -26.98 14.18
CA ALA B 415 6.69 -27.25 14.58
C ALA B 415 6.71 -28.07 15.86
N ARG B 416 7.66 -28.98 15.95
CA ARG B 416 7.88 -29.77 17.17
C ARG B 416 8.51 -28.86 18.22
N LYS B 417 9.08 -27.75 17.77
CA LYS B 417 9.59 -26.73 18.67
C LYS B 417 8.52 -25.66 18.89
N ALA B 418 7.32 -25.91 18.36
CA ALA B 418 6.17 -25.04 18.61
C ALA B 418 5.28 -25.64 19.70
N ARG B 419 5.69 -26.79 20.22
CA ARG B 419 4.97 -27.49 21.30
C ARG B 419 5.69 -27.39 22.64
N LEU B 439 5.27 -10.09 8.32
CA LEU B 439 4.98 -10.63 6.98
C LEU B 439 3.72 -11.50 6.87
N THR B 440 3.14 -11.51 5.67
CA THR B 440 2.07 -12.42 5.31
C THR B 440 2.59 -13.27 4.16
N PRO B 441 2.80 -14.56 4.40
CA PRO B 441 3.51 -15.44 3.46
C PRO B 441 2.62 -16.04 2.37
N ALA B 442 3.21 -16.40 1.24
CA ALA B 442 2.50 -17.17 0.21
C ALA B 442 2.23 -18.57 0.76
N GLN B 443 1.08 -19.14 0.41
CA GLN B 443 0.67 -20.44 0.94
C GLN B 443 1.71 -21.53 0.64
N SER B 444 2.04 -21.72 -0.64
CA SER B 444 3.02 -22.72 -1.06
C SER B 444 4.36 -22.07 -1.47
N LYS B 445 5.47 -22.76 -1.15
CA LYS B 445 6.81 -22.24 -1.42
C LYS B 445 7.25 -22.56 -2.85
N ASN B 446 7.36 -21.54 -3.68
CA ASN B 446 7.76 -21.73 -5.08
C ASN B 446 8.61 -20.56 -5.59
N PRO B 447 9.92 -20.60 -5.30
CA PRO B 447 10.87 -19.57 -5.76
C PRO B 447 10.86 -19.32 -7.28
N ALA B 448 10.07 -20.09 -8.03
CA ALA B 448 10.01 -19.92 -9.48
C ALA B 448 8.88 -18.99 -9.93
N LYS B 449 7.81 -18.90 -9.14
CA LYS B 449 6.71 -17.99 -9.48
C LYS B 449 6.28 -17.09 -8.31
N ASN B 450 6.90 -17.27 -7.14
CA ASN B 450 6.53 -16.49 -5.97
C ASN B 450 6.84 -14.99 -6.07
N GLU B 451 5.98 -14.17 -5.45
CA GLU B 451 6.10 -12.74 -5.54
C GLU B 451 6.09 -12.11 -4.15
N LEU B 452 7.03 -11.20 -3.90
CA LEU B 452 7.08 -10.47 -2.63
C LEU B 452 6.64 -9.02 -2.84
N TYR B 453 5.62 -8.60 -2.11
CA TYR B 453 5.10 -7.24 -2.25
C TYR B 453 5.52 -6.40 -1.07
N LEU B 454 6.38 -5.40 -1.33
CA LEU B 454 6.69 -4.43 -0.30
C LEU B 454 5.77 -3.23 -0.46
N VAL B 455 4.85 -3.09 0.48
CA VAL B 455 3.78 -2.11 0.39
C VAL B 455 4.04 -0.97 1.35
N GLU B 456 3.94 0.26 0.86
CA GLU B 456 4.01 1.44 1.71
C GLU B 456 2.81 1.49 2.66
N GLY B 457 3.02 1.10 3.92
CA GLY B 457 2.01 1.27 4.95
C GLY B 457 1.21 0.03 5.30
N ASP B 458 0.95 -0.14 6.60
CA ASP B 458 0.14 -1.26 7.10
C ASP B 458 -1.26 -1.21 6.52
N SER B 459 -1.77 0.00 6.32
CA SER B 459 -3.10 0.20 5.76
C SER B 459 -3.22 -0.37 4.35
N ALA B 460 -2.41 0.15 3.43
CA ALA B 460 -2.37 -0.40 2.09
C ALA B 460 -1.99 -1.89 2.16
N GLY B 461 -1.15 -2.25 3.13
CA GLY B 461 -0.76 -3.62 3.35
C GLY B 461 -1.96 -4.53 3.58
N GLY B 462 -2.98 -3.99 4.26
CA GLY B 462 -4.22 -4.69 4.50
C GLY B 462 -4.95 -5.00 3.20
N SER B 463 -5.20 -3.98 2.39
CA SER B 463 -5.88 -4.17 1.12
C SER B 463 -5.12 -5.15 0.24
N ALA B 464 -3.78 -5.12 0.34
CA ALA B 464 -2.90 -6.01 -0.42
C ALA B 464 -3.09 -7.47 -0.03
N LYS B 465 -3.12 -7.73 1.28
CA LYS B 465 -3.41 -9.05 1.82
C LYS B 465 -4.80 -9.56 1.37
N GLN B 466 -5.80 -8.69 1.48
CA GLN B 466 -7.17 -9.03 1.09
C GLN B 466 -7.37 -9.24 -0.42
N GLY B 467 -6.72 -8.41 -1.24
CA GLY B 467 -6.92 -8.48 -2.67
C GLY B 467 -6.04 -9.46 -3.43
N ARG B 468 -5.04 -10.02 -2.75
CA ARG B 468 -4.00 -10.81 -3.40
C ARG B 468 -4.51 -12.18 -3.88
N ASP B 469 -3.65 -12.89 -4.61
CA ASP B 469 -3.80 -14.33 -4.81
C ASP B 469 -2.86 -15.02 -3.84
N ARG B 470 -3.41 -15.51 -2.73
CA ARG B 470 -2.59 -16.03 -1.63
C ARG B 470 -1.71 -17.26 -1.95
N LYS B 471 -1.96 -17.91 -3.09
CA LYS B 471 -1.20 -19.12 -3.40
C LYS B 471 0.28 -18.79 -3.60
N PHE B 472 0.56 -17.72 -4.33
CA PHE B 472 1.95 -17.38 -4.67
C PHE B 472 2.36 -15.92 -4.40
N GLN B 473 1.56 -15.18 -3.64
CA GLN B 473 1.86 -13.77 -3.36
C GLN B 473 1.95 -13.51 -1.86
N ALA B 474 3.10 -13.00 -1.43
CA ALA B 474 3.32 -12.61 -0.04
C ALA B 474 3.26 -11.10 0.13
N ILE B 475 2.97 -10.65 1.34
CA ILE B 475 2.80 -9.24 1.61
C ILE B 475 3.69 -8.79 2.77
N LEU B 476 4.48 -7.76 2.52
CA LEU B 476 5.33 -7.18 3.55
C LEU B 476 5.08 -5.67 3.62
N PRO B 477 4.33 -5.24 4.64
CA PRO B 477 4.12 -3.81 4.88
C PRO B 477 5.39 -3.17 5.42
N LEU B 478 5.81 -2.07 4.79
CA LEU B 478 6.88 -1.24 5.31
C LEU B 478 6.24 -0.11 6.11
N ARG B 479 6.66 0.04 7.37
CA ARG B 479 6.02 1.00 8.26
C ARG B 479 6.89 2.24 8.45
N GLY B 480 6.66 3.25 7.64
CA GLY B 480 7.42 4.50 7.70
C GLY B 480 8.44 4.56 6.58
N LYS B 481 9.07 5.72 6.41
CA LYS B 481 10.09 5.83 5.37
C LYS B 481 11.23 4.86 5.68
N VAL B 482 11.72 4.18 4.66
CA VAL B 482 12.81 3.23 4.80
C VAL B 482 14.15 3.94 5.01
N ILE B 483 14.99 3.41 5.89
CA ILE B 483 16.29 4.00 6.18
C ILE B 483 17.14 4.17 4.90
N ASN B 484 17.82 5.32 4.80
CA ASN B 484 18.72 5.58 3.68
C ASN B 484 20.04 4.80 3.79
N THR B 485 20.16 3.73 2.99
CA THR B 485 21.30 2.84 3.13
C THR B 485 22.62 3.43 2.64
N ALA B 486 22.59 4.64 2.07
CA ALA B 486 23.82 5.34 1.71
C ALA B 486 24.35 6.19 2.88
N LYS B 487 23.47 6.97 3.48
CA LYS B 487 23.82 7.89 4.54
C LYS B 487 24.16 7.21 5.87
N ALA B 488 23.39 6.18 6.23
CA ALA B 488 23.54 5.54 7.54
C ALA B 488 24.70 4.57 7.57
N LYS B 489 25.09 4.15 8.77
CA LYS B 489 26.23 3.24 8.94
C LYS B 489 25.81 1.77 8.83
N MET B 490 26.69 0.94 8.28
CA MET B 490 26.36 -0.48 8.09
C MET B 490 26.04 -1.15 9.42
N ALA B 491 26.28 -0.43 10.51
CA ALA B 491 25.92 -0.85 11.86
C ALA B 491 24.43 -0.64 12.05
N ASP B 492 24.01 0.62 11.98
CA ASP B 492 22.60 0.97 12.11
C ASP B 492 21.75 0.38 10.97
N ILE B 493 22.32 0.29 9.77
CA ILE B 493 21.61 -0.26 8.62
C ILE B 493 21.15 -1.70 8.86
N LEU B 494 21.96 -2.47 9.58
CA LEU B 494 21.63 -3.87 9.88
C LEU B 494 20.83 -4.01 11.16
N LYS B 495 20.73 -2.93 11.93
CA LYS B 495 19.90 -2.93 13.13
C LYS B 495 18.53 -2.29 12.85
N ASN B 496 18.10 -2.34 11.59
CA ASN B 496 16.81 -1.75 11.18
C ASN B 496 15.74 -2.81 10.90
N GLU B 497 14.54 -2.62 11.47
CA GLU B 497 13.52 -3.65 11.35
C GLU B 497 13.09 -3.85 9.90
N GLU B 498 12.72 -2.77 9.23
CA GLU B 498 12.27 -2.91 7.84
C GLU B 498 13.33 -3.63 7.00
N ILE B 499 14.58 -3.15 7.05
CA ILE B 499 15.71 -3.77 6.36
C ILE B 499 15.97 -5.22 6.83
N ASN B 500 16.05 -5.41 8.14
CA ASN B 500 16.42 -6.70 8.73
C ASN B 500 15.47 -7.84 8.40
N THR B 501 14.18 -7.52 8.29
CA THR B 501 13.18 -8.54 7.99
C THR B 501 13.04 -8.81 6.50
N MET B 502 13.39 -7.83 5.66
CA MET B 502 13.53 -8.09 4.22
C MET B 502 14.75 -8.97 3.96
N ILE B 503 15.83 -8.74 4.71
CA ILE B 503 17.04 -9.54 4.59
C ILE B 503 16.69 -10.99 4.92
N TYR B 504 15.73 -11.18 5.81
CA TYR B 504 15.28 -12.51 6.23
C TYR B 504 14.16 -13.09 5.35
N THR B 505 13.12 -12.30 5.10
CA THR B 505 11.98 -12.77 4.31
C THR B 505 12.44 -13.16 2.90
N ILE B 506 13.46 -12.45 2.39
CA ILE B 506 14.02 -12.72 1.07
C ILE B 506 14.87 -13.99 1.10
N GLY B 507 15.54 -14.21 2.22
CA GLY B 507 16.22 -15.47 2.49
C GLY B 507 17.55 -15.71 1.79
N ALA B 508 18.21 -14.64 1.37
CA ALA B 508 19.48 -14.77 0.67
C ALA B 508 20.64 -14.11 1.40
N GLY B 509 20.37 -13.55 2.58
CA GLY B 509 21.38 -12.81 3.33
C GLY B 509 21.61 -11.46 2.67
N VAL B 510 22.74 -10.82 2.98
CA VAL B 510 23.05 -9.49 2.44
C VAL B 510 24.54 -9.27 2.23
N GLY B 511 24.88 -8.24 1.46
CA GLY B 511 26.27 -7.91 1.22
C GLY B 511 26.94 -8.96 0.35
N ALA B 512 28.23 -9.17 0.57
CA ALA B 512 28.99 -10.14 -0.21
C ALA B 512 28.72 -11.56 0.24
N ASP B 513 28.10 -11.72 1.42
CA ASP B 513 27.68 -13.04 1.89
C ASP B 513 26.27 -13.34 1.37
N PHE B 514 26.06 -13.24 0.05
CA PHE B 514 24.73 -13.23 -0.54
C PHE B 514 24.57 -14.17 -1.75
N SER B 515 23.75 -15.21 -1.60
CA SER B 515 23.48 -16.14 -2.70
C SER B 515 22.12 -15.87 -3.35
N ILE B 516 22.12 -15.67 -4.67
CA ILE B 516 20.88 -15.40 -5.39
C ILE B 516 20.05 -16.67 -5.65
N GLU B 517 20.63 -17.83 -5.35
CA GLU B 517 19.93 -19.10 -5.57
C GLU B 517 19.22 -19.60 -4.31
N ASP B 518 19.56 -19.02 -3.16
CA ASP B 518 18.88 -19.36 -1.92
C ASP B 518 17.69 -18.41 -1.69
N ALA B 519 17.39 -17.59 -2.68
CA ALA B 519 16.28 -16.62 -2.60
C ALA B 519 14.94 -17.29 -2.33
N ASN B 520 13.87 -16.51 -2.38
CA ASN B 520 12.53 -17.04 -2.12
C ASN B 520 11.49 -16.56 -3.13
N TYR B 521 11.87 -15.61 -3.99
CA TYR B 521 10.91 -15.08 -4.93
C TYR B 521 11.52 -14.87 -6.32
N ASP B 522 10.69 -15.00 -7.34
CA ASP B 522 11.10 -14.76 -8.73
C ASP B 522 10.98 -13.27 -9.03
N LYS B 523 10.09 -12.61 -8.29
CA LYS B 523 9.85 -11.20 -8.47
C LYS B 523 9.64 -10.57 -7.09
N ILE B 524 10.36 -9.49 -6.83
CA ILE B 524 10.12 -8.66 -5.67
C ILE B 524 9.49 -7.38 -6.17
N ILE B 525 8.27 -7.10 -5.72
CA ILE B 525 7.49 -6.00 -6.27
C ILE B 525 7.23 -4.90 -5.25
N ILE B 526 7.71 -3.70 -5.56
CA ILE B 526 7.52 -2.53 -4.70
C ILE B 526 6.22 -1.81 -5.04
N MET B 527 5.29 -1.80 -4.10
CA MET B 527 3.99 -1.21 -4.36
C MET B 527 3.72 -0.02 -3.44
N THR B 528 3.92 1.19 -3.95
CA THR B 528 3.71 2.38 -3.13
C THR B 528 2.52 3.20 -3.60
N ASP B 529 2.12 4.18 -2.78
CA ASP B 529 1.13 5.18 -3.16
C ASP B 529 1.59 5.86 -4.44
N ALA B 530 0.64 6.33 -5.24
CA ALA B 530 0.99 7.09 -6.43
C ALA B 530 1.22 8.56 -6.08
N ASP B 531 1.94 8.82 -4.99
CA ASP B 531 2.23 10.19 -4.60
C ASP B 531 3.72 10.53 -4.55
N THR B 532 4.03 11.71 -4.02
CA THR B 532 5.40 12.15 -3.88
C THR B 532 6.15 11.28 -2.89
N ASP B 533 5.53 11.00 -1.75
CA ASP B 533 6.20 10.18 -0.74
C ASP B 533 6.38 8.72 -1.15
N GLY B 534 5.50 8.22 -2.01
CA GLY B 534 5.64 6.89 -2.57
C GLY B 534 6.85 6.86 -3.49
N ALA B 535 6.98 7.93 -4.26
CA ALA B 535 8.17 8.16 -5.06
C ALA B 535 9.39 8.08 -4.15
N HIS B 536 9.37 8.84 -3.07
CA HIS B 536 10.49 8.85 -2.12
C HIS B 536 10.79 7.44 -1.62
N ILE B 537 9.75 6.73 -1.19
CA ILE B 537 9.95 5.36 -0.71
C ILE B 537 10.56 4.44 -1.76
N GLN B 538 10.07 4.50 -2.99
CA GLN B 538 10.64 3.67 -4.06
C GLN B 538 12.13 3.93 -4.15
N THR B 539 12.50 5.17 -3.90
CA THR B 539 13.88 5.62 -4.03
C THR B 539 14.80 5.03 -2.96
N LEU B 540 14.29 4.92 -1.74
CA LEU B 540 15.08 4.44 -0.62
C LEU B 540 15.20 2.92 -0.64
N LEU B 541 14.24 2.27 -1.30
CA LEU B 541 14.28 0.83 -1.41
C LEU B 541 15.20 0.47 -2.57
N LEU B 542 15.02 1.13 -3.71
CA LEU B 542 15.94 0.92 -4.83
C LEU B 542 17.41 1.07 -4.40
N THR B 543 17.76 2.09 -3.62
CA THR B 543 19.16 2.23 -3.21
C THR B 543 19.63 1.12 -2.26
N PHE B 544 18.74 0.60 -1.43
CA PHE B 544 19.11 -0.55 -0.61
C PHE B 544 19.40 -1.80 -1.47
N PHE B 545 18.51 -2.09 -2.42
CA PHE B 545 18.66 -3.28 -3.27
C PHE B 545 19.86 -3.20 -4.19
N TYR B 546 20.23 -1.98 -4.56
CA TYR B 546 21.42 -1.74 -5.37
C TYR B 546 22.66 -1.89 -4.50
N ARG B 547 22.71 -1.18 -3.38
CA ARG B 547 23.88 -1.23 -2.50
C ARG B 547 24.10 -2.61 -1.88
N TYR B 548 23.04 -3.36 -1.62
CA TYR B 548 23.19 -4.54 -0.77
C TYR B 548 22.67 -5.88 -1.31
N MET B 549 22.04 -5.87 -2.49
CA MET B 549 21.53 -7.09 -3.13
C MET B 549 21.61 -6.96 -4.64
N ARG B 550 22.67 -6.32 -5.12
CA ARG B 550 22.83 -5.94 -6.51
C ARG B 550 22.43 -7.01 -7.52
N PRO B 551 22.80 -8.28 -7.24
CA PRO B 551 22.39 -9.36 -8.16
C PRO B 551 20.88 -9.39 -8.41
N LEU B 552 20.06 -9.21 -7.37
CA LEU B 552 18.61 -9.28 -7.54
C LEU B 552 18.16 -8.21 -8.51
N VAL B 553 18.73 -7.02 -8.41
CA VAL B 553 18.40 -5.94 -9.33
C VAL B 553 19.05 -6.17 -10.70
N GLU B 554 20.13 -6.95 -10.72
CA GLU B 554 20.86 -7.25 -11.95
C GLU B 554 20.20 -8.37 -12.76
N ALA B 555 19.55 -9.30 -12.08
CA ALA B 555 18.80 -10.36 -12.75
C ALA B 555 17.37 -9.91 -13.10
N GLY B 556 17.11 -8.60 -13.01
CA GLY B 556 15.82 -8.03 -13.34
C GLY B 556 14.69 -8.59 -12.51
N HIS B 557 14.98 -8.81 -11.23
CA HIS B 557 14.05 -9.40 -10.28
C HIS B 557 13.22 -8.37 -9.49
N VAL B 558 13.68 -7.12 -9.45
CA VAL B 558 13.01 -6.09 -8.68
C VAL B 558 12.08 -5.25 -9.56
N TYR B 559 10.85 -5.05 -9.10
CA TYR B 559 9.84 -4.34 -9.88
C TYR B 559 9.17 -3.21 -9.11
N ILE B 560 8.22 -2.58 -9.78
CA ILE B 560 7.51 -1.44 -9.24
C ILE B 560 6.11 -1.47 -9.83
N ALA B 561 5.11 -1.70 -8.98
CA ALA B 561 3.74 -1.74 -9.46
C ALA B 561 3.36 -0.34 -9.90
N PRO B 563 -1.39 1.87 -11.00
CA PRO B 563 -2.81 2.10 -10.75
C PRO B 563 -3.34 3.11 -11.76
N PRO B 564 -4.65 3.06 -12.04
CA PRO B 564 -5.28 3.95 -13.03
C PRO B 564 -5.41 5.38 -12.52
N LEU B 565 -5.38 6.35 -13.44
CA LEU B 565 -5.55 7.75 -13.09
C LEU B 565 -7.02 8.20 -13.20
N TYR B 566 -7.76 7.56 -14.11
CA TYR B 566 -9.11 8.02 -14.44
C TYR B 566 -10.18 6.90 -14.51
N LYS B 567 -11.45 7.31 -14.37
CA LYS B 567 -12.59 6.39 -14.47
C LYS B 567 -13.54 6.76 -15.62
N ALA B 579 -15.10 2.06 -17.35
CA ALA B 579 -13.99 2.35 -18.25
C ALA B 579 -12.87 3.15 -17.57
N TYR B 580 -11.63 2.63 -17.64
CA TYR B 580 -10.49 3.26 -17.00
C TYR B 580 -9.46 3.73 -18.01
N ALA B 581 -8.60 4.66 -17.60
CA ALA B 581 -7.52 5.17 -18.45
C ALA B 581 -6.32 5.59 -17.60
N TRP B 582 -5.12 5.50 -18.19
CA TRP B 582 -3.90 5.87 -17.49
C TRP B 582 -3.27 7.14 -18.06
N THR B 583 -3.43 7.33 -19.37
CA THR B 583 -2.88 8.49 -20.07
C THR B 583 -3.91 9.60 -20.23
N ASP B 584 -3.46 10.83 -20.36
CA ASP B 584 -4.37 11.95 -20.63
C ASP B 584 -4.97 11.74 -22.02
N GLY B 585 -4.33 10.90 -22.82
CA GLY B 585 -4.81 10.57 -24.14
C GLY B 585 -5.90 9.50 -24.14
N GLU B 586 -5.83 8.58 -23.18
CA GLU B 586 -6.79 7.47 -23.09
C GLU B 586 -8.18 7.91 -22.60
N LEU B 587 -8.25 9.06 -21.95
CA LEU B 587 -9.52 9.61 -21.49
C LEU B 587 -10.29 10.29 -22.62
N GLU B 588 -9.58 10.75 -23.65
CA GLU B 588 -10.22 11.40 -24.79
C GLU B 588 -10.81 10.38 -25.76
N GLU B 589 -10.30 9.14 -25.71
CA GLU B 589 -10.84 8.04 -26.49
C GLU B 589 -12.08 7.48 -25.82
N LEU B 590 -12.15 7.65 -24.50
CA LEU B 590 -13.33 7.27 -23.73
C LEU B 590 -14.38 8.37 -23.86
N ARG B 591 -13.93 9.60 -24.04
CA ARG B 591 -14.82 10.75 -24.19
C ARG B 591 -15.87 10.53 -25.26
N LYS B 592 -15.65 9.54 -26.13
CA LYS B 592 -16.60 9.21 -27.19
C LYS B 592 -17.23 7.83 -26.94
N LEU B 600 -16.77 11.33 -15.26
CA LEU B 600 -15.32 11.13 -15.10
C LEU B 600 -14.82 11.42 -13.69
N GLN B 601 -14.35 10.38 -13.00
CA GLN B 601 -13.74 10.53 -11.68
C GLN B 601 -12.22 10.45 -11.79
N ARG B 602 -11.52 11.37 -11.13
CA ARG B 602 -10.06 11.39 -11.13
C ARG B 602 -9.51 10.79 -9.83
N TYR B 603 -8.80 9.67 -9.93
CA TYR B 603 -8.34 8.93 -8.75
C TYR B 603 -7.23 9.67 -7.97
N LYS B 604 -7.50 9.92 -6.70
CA LYS B 604 -6.57 10.65 -5.83
C LYS B 604 -5.70 9.72 -4.99
N GLY B 605 -6.08 8.45 -4.89
CA GLY B 605 -5.32 7.49 -4.12
C GLY B 605 -5.90 6.11 -4.27
N LEU B 606 -5.19 5.09 -3.77
CA LEU B 606 -5.75 3.73 -3.76
C LEU B 606 -6.80 3.62 -2.66
N GLY B 607 -6.73 4.57 -1.72
CA GLY B 607 -7.64 4.62 -0.60
C GLY B 607 -9.06 4.97 -1.02
N GLU B 608 -9.20 5.59 -2.18
CA GLU B 608 -10.51 5.88 -2.76
C GLU B 608 -10.93 4.80 -3.78
N MET B 609 -8.42 2.60 -1.85
CA MET B 609 -8.74 1.55 -2.82
C MET B 609 -9.30 0.28 -2.17
N ASN B 610 -10.39 -0.24 -2.73
CA ASN B 610 -10.98 -1.49 -2.27
C ASN B 610 -10.18 -2.69 -2.76
N ALA B 611 -10.06 -3.72 -1.91
CA ALA B 611 -9.32 -4.95 -2.26
C ALA B 611 -9.71 -5.51 -3.65
N ASP B 612 -11.00 -5.48 -3.97
CA ASP B 612 -11.47 -5.86 -5.30
C ASP B 612 -10.72 -5.10 -6.40
N GLN B 613 -10.82 -3.76 -6.37
CA GLN B 613 -10.21 -2.90 -7.39
C GLN B 613 -8.69 -3.03 -7.47
N LEU B 614 -8.02 -3.03 -6.32
CA LEU B 614 -6.57 -3.15 -6.24
C LEU B 614 -6.07 -4.36 -7.04
N TRP B 615 -6.83 -5.44 -6.98
CA TRP B 615 -6.47 -6.67 -7.68
C TRP B 615 -6.56 -6.47 -9.18
N GLU B 616 -7.78 -6.22 -9.64
CA GLU B 616 -8.05 -6.07 -11.06
C GLU B 616 -7.03 -5.15 -11.73
N THR B 617 -6.63 -4.09 -11.01
CA THR B 617 -5.84 -3.01 -11.59
C THR B 617 -4.32 -3.15 -11.52
N THR B 618 -3.79 -3.66 -10.41
CA THR B 618 -2.34 -3.63 -10.22
C THR B 618 -1.66 -4.90 -9.69
N MET B 619 -2.43 -5.81 -9.11
CA MET B 619 -1.83 -7.03 -8.55
C MET B 619 -1.98 -8.27 -9.43
N ASN B 620 -3.00 -8.28 -10.28
CA ASN B 620 -3.28 -9.44 -11.10
C ASN B 620 -2.33 -9.51 -12.29
N PRO B 621 -1.52 -10.58 -12.35
CA PRO B 621 -0.54 -10.76 -13.42
C PRO B 621 -1.15 -10.77 -14.82
N GLU B 622 -2.49 -10.80 -14.90
CA GLU B 622 -3.18 -10.74 -16.19
C GLU B 622 -3.52 -9.30 -16.57
N THR B 623 -3.86 -8.50 -15.58
CA THR B 623 -4.37 -7.16 -15.82
C THR B 623 -3.50 -6.06 -15.26
N ARG B 624 -2.20 -6.33 -15.09
CA ARG B 624 -1.31 -5.37 -14.41
C ARG B 624 -0.12 -4.91 -15.26
N THR B 625 0.48 -3.79 -14.88
CA THR B 625 1.69 -3.28 -15.51
C THR B 625 2.79 -3.00 -14.47
N LEU B 626 3.91 -3.72 -14.55
CA LEU B 626 5.03 -3.56 -13.62
C LEU B 626 6.28 -3.04 -14.31
N ILE B 627 6.78 -1.86 -13.90
CA ILE B 627 8.07 -1.41 -14.40
C ILE B 627 9.14 -2.35 -13.84
N ARG B 628 9.98 -2.89 -14.74
CA ARG B 628 11.04 -3.80 -14.34
C ARG B 628 12.37 -3.05 -14.27
N VAL B 629 12.92 -2.96 -13.05
CA VAL B 629 14.19 -2.29 -12.86
C VAL B 629 15.30 -3.09 -13.51
N THR B 630 16.07 -2.41 -14.34
CA THR B 630 17.23 -3.02 -15.01
C THR B 630 18.45 -2.11 -14.87
N ILE B 631 19.51 -2.62 -14.26
CA ILE B 631 20.74 -1.86 -14.12
C ILE B 631 21.47 -1.84 -15.48
N GLU B 632 21.28 -0.75 -16.23
CA GLU B 632 21.76 -0.66 -17.60
C GLU B 632 23.26 -0.39 -17.68
N ASP B 633 23.65 0.84 -17.33
CA ASP B 633 25.05 1.24 -17.34
C ASP B 633 25.57 1.35 -15.91
N LEU B 634 25.97 0.23 -15.34
CA LEU B 634 26.38 0.17 -13.93
C LEU B 634 27.06 1.45 -13.41
N ALA B 635 27.95 2.04 -14.21
CA ALA B 635 28.74 3.18 -13.76
C ALA B 635 27.99 4.53 -13.71
N ARG B 636 27.10 4.78 -14.66
CA ARG B 636 26.32 6.02 -14.63
C ARG B 636 25.09 5.84 -13.75
N ALA B 637 24.81 4.57 -13.41
CA ALA B 637 23.79 4.24 -12.42
C ALA B 637 24.37 4.46 -11.03
N GLU B 638 25.62 4.07 -10.82
CA GLU B 638 26.31 4.28 -9.55
C GLU B 638 26.50 5.76 -9.21
N ARG B 639 26.62 6.59 -10.25
CA ARG B 639 26.77 8.02 -10.06
C ARG B 639 25.45 8.59 -9.59
N ARG B 640 24.36 8.13 -10.21
CA ARG B 640 23.03 8.62 -9.85
C ARG B 640 22.64 8.29 -8.40
N VAL B 641 22.73 7.02 -8.00
CA VAL B 641 22.38 6.68 -6.61
C VAL B 641 23.26 7.46 -5.63
N ASN B 642 24.57 7.43 -5.85
CA ASN B 642 25.51 8.05 -4.94
C ASN B 642 25.39 9.59 -4.83
N VAL B 643 24.77 10.23 -5.84
CA VAL B 643 24.56 11.68 -5.83
C VAL B 643 23.22 12.10 -5.23
N LEU B 644 22.19 11.30 -5.46
CA LEU B 644 20.86 11.58 -4.94
C LEU B 644 20.71 11.15 -3.50
N MET B 645 21.44 10.11 -3.10
CA MET B 645 21.20 9.52 -1.79
C MET B 645 22.42 9.57 -0.85
N GLY B 646 23.56 10.05 -1.36
CA GLY B 646 24.80 10.12 -0.58
C GLY B 646 24.86 11.16 0.53
N ASP B 647 25.91 11.10 1.35
CA ASP B 647 26.10 12.02 2.47
C ASP B 647 26.26 13.48 2.04
N LYS B 648 26.77 13.73 0.84
CA LYS B 648 27.12 15.11 0.44
C LYS B 648 25.93 15.90 -0.13
N VAL B 649 25.66 17.06 0.48
CA VAL B 649 24.51 17.87 0.12
C VAL B 649 24.70 18.71 -1.15
N GLU B 650 25.88 19.30 -1.33
CA GLU B 650 26.11 20.22 -2.45
C GLU B 650 25.90 19.56 -3.82
N PRO B 651 26.46 18.36 -4.03
CA PRO B 651 26.22 17.63 -5.28
C PRO B 651 24.72 17.54 -5.61
N ARG B 652 23.96 16.90 -4.72
CA ARG B 652 22.49 16.91 -4.73
C ARG B 652 21.86 18.28 -5.02
N ARG B 653 22.12 19.28 -4.18
CA ARG B 653 21.55 20.61 -4.44
C ARG B 653 21.71 21.03 -5.89
N LYS B 654 22.91 20.81 -6.44
CA LYS B 654 23.21 21.19 -7.81
C LYS B 654 22.47 20.32 -8.81
N TRP B 655 22.46 19.01 -8.56
CA TRP B 655 21.65 18.12 -9.39
C TRP B 655 20.22 18.63 -9.45
N ILE B 656 19.69 19.07 -8.32
CA ILE B 656 18.33 19.63 -8.30
C ILE B 656 18.30 20.93 -9.09
N GLU B 657 19.13 21.90 -8.70
CA GLU B 657 19.20 23.18 -9.40
C GLU B 657 19.27 22.99 -10.92
N ASP B 658 20.00 21.97 -11.36
CA ASP B 658 20.20 21.71 -12.80
C ASP B 658 19.08 20.92 -13.50
N ASN B 659 18.50 19.93 -12.82
CA ASN B 659 17.51 19.04 -13.46
C ASN B 659 16.06 19.33 -13.12
N VAL B 660 15.81 20.02 -12.01
CA VAL B 660 14.45 20.25 -11.54
C VAL B 660 13.84 21.55 -12.05
N LYS B 661 12.80 21.43 -12.87
CA LYS B 661 12.17 22.59 -13.48
C LYS B 661 11.11 23.24 -12.58
N PHE B 662 11.51 24.28 -11.85
CA PHE B 662 10.59 24.97 -10.94
C PHE B 662 9.58 25.84 -11.69
N THR B 663 10.09 26.66 -12.61
CA THR B 663 9.26 27.48 -13.49
C THR B 663 8.95 28.85 -12.89
#